data_8IWD
#
_entry.id   8IWD
#
_cell.length_a   100.302
_cell.length_b   100.302
_cell.length_c   145.342
_cell.angle_alpha   90.000
_cell.angle_beta   90.000
_cell.angle_gamma   120.000
#
_symmetry.space_group_name_H-M   'P 31 2 1'
#
loop_
_entity.id
_entity.type
_entity.pdbx_description
1 polymer Alpha-L-rhamnosidase
2 branched alpha-D-mannopyranose-(1-3)-beta-D-mannopyranose-(1-4)-2-acetamido-2-deoxy-beta-D-glucopyranose-(1-4)-2-acetamido-2-deoxy-beta-D-glucopyranose
3 branched beta-D-mannopyranose-(1-4)-2-acetamido-2-deoxy-beta-D-glucopyranose-(1-4)-2-acetamido-2-deoxy-beta-D-glucopyranose
4 branched 2-acetamido-2-deoxy-beta-D-glucopyranose-(1-4)-2-acetamido-2-deoxy-beta-D-glucopyranose
5 branched alpha-D-mannopyranose-(1-6)-beta-D-mannopyranose-(1-4)-2-acetamido-2-deoxy-beta-D-glucopyranose-(1-4)-2-acetamido-2-deoxy-beta-D-glucopyranose
6 branched alpha-D-mannopyranose-(1-3)-[alpha-D-mannopyranose-(1-6)]beta-D-mannopyranose-(1-4)-2-acetamido-2-deoxy-beta-D-glucopyranose-(1-4)-2-acetamido-2-deoxy-beta-D-glucopyranose
7 non-polymer 1,2-ETHANEDIOL
8 non-polymer 2-acetamido-2-deoxy-beta-D-glucopyranose
9 water water
#
_entity_poly.entity_id   1
_entity_poly.type   'polypeptide(L)'
_entity_poly.pdbx_seq_one_letter_code
;VPYEEYILAPSSRDLAPASVRQVNGSVTNAAALTGAGGQATFNGVSSVTYDFGINVAGIVSVDVASASSESAFIGVTFTE
SSMWISNEACDATQDAGLDTPLWFAVGQGAGVYSVGKKYTRGAFRYMTVVSNTTATVSLNSVKINYTASPIQDLRAYTGY
FHSSDELLNRIWYAGAYTLQLCSIDPTTGDALVGLGAITSSETITLPQTDKWWTNYTITNGSSTLTDGAKRDRLVWPGDM
SIALESVAVSTEDLYSVRTALESLYALQKADGQLPYAGKPFYDTVSFTYHLHSLVGAASYYQYTGDRAWLTRYWGQYKKG
VQWALSGVDSTGLANITASADWLRFGMGAHNIEANAILYYVLNDAISLAQSLNDNAPIRNWTATAARIKTVANELLWDDK
NGLYTDNETTTLHPQDGNSWAVKANLTLSANQSAIISESLAARWGPYGAPAPEAGATVSPFIGGFELQAHYQAGQPDRAL
DLLRLQWGFMLDDPRMTNSTFIEGYSTDGSLVYAPYTNRPRVSHAHGWSTGPTSALTIYTAGLRVTGPAGATWLYKPQPG
NLTQVEAGFSTRLGSFASSFSRSGGRYQELSFTTPNGTTGSVELGDVSGQLVSEGGVKVQLVGGKASGLQGGKWRLNV
;
_entity_poly.pdbx_strand_id   A
#
loop_
_chem_comp.id
_chem_comp.type
_chem_comp.name
_chem_comp.formula
BMA D-saccharide, beta linking beta-D-mannopyranose 'C6 H12 O6'
EDO non-polymer 1,2-ETHANEDIOL 'C2 H6 O2'
MAN D-saccharide, alpha linking alpha-D-mannopyranose 'C6 H12 O6'
NAG D-saccharide, beta linking 2-acetamido-2-deoxy-beta-D-glucopyranose 'C8 H15 N O6'
#
# COMPACT_ATOMS: atom_id res chain seq x y z
N VAL A 1 14.66 13.41 -7.96
CA VAL A 1 15.28 14.72 -7.98
C VAL A 1 14.24 15.83 -7.71
N PRO A 2 13.12 15.87 -8.44
CA PRO A 2 12.15 16.95 -8.18
C PRO A 2 11.38 16.74 -6.88
N TYR A 3 11.20 17.84 -6.15
CA TYR A 3 10.47 17.84 -4.87
C TYR A 3 11.06 16.83 -3.88
N GLU A 4 12.40 16.74 -3.88
CA GLU A 4 13.08 15.81 -3.00
C GLU A 4 12.86 16.12 -1.52
N GLU A 5 12.55 17.38 -1.20
CA GLU A 5 12.34 17.79 0.19
C GLU A 5 11.15 17.10 0.85
N TYR A 6 10.19 16.62 0.05
CA TYR A 6 9.05 15.88 0.57
C TYR A 6 9.36 14.42 0.83
N ILE A 7 10.49 13.90 0.33
CA ILE A 7 10.77 12.48 0.46
C ILE A 7 11.15 12.17 1.90
N LEU A 8 10.42 11.24 2.51
CA LEU A 8 10.63 10.94 3.92
C LEU A 8 11.82 10.04 4.18
N ALA A 9 12.25 9.28 3.18
CA ALA A 9 13.24 8.22 3.39
C ALA A 9 14.56 8.79 3.90
N PRO A 10 15.25 8.10 4.80
CA PRO A 10 16.47 8.66 5.38
C PRO A 10 17.55 8.89 4.33
N SER A 11 18.47 9.78 4.65
CA SER A 11 19.57 10.11 3.76
C SER A 11 20.78 9.18 3.94
N SER A 12 20.75 8.33 4.96
CA SER A 12 21.77 7.30 5.13
C SER A 12 21.10 6.02 5.58
N ARG A 13 21.88 4.95 5.68
CA ARG A 13 21.42 3.72 6.29
C ARG A 13 22.04 3.49 7.66
N ASP A 14 22.90 4.39 8.09
CA ASP A 14 23.42 4.42 9.46
C ASP A 14 22.64 5.52 10.18
N LEU A 15 21.69 5.13 11.03
CA LEU A 15 20.77 6.09 11.62
C LEU A 15 20.90 6.11 13.14
N ALA A 16 21.15 7.35 13.70
CA ALA A 16 20.87 7.60 15.10
C ALA A 16 19.48 8.22 15.25
N PRO A 17 18.82 8.03 16.39
CA PRO A 17 17.52 8.68 16.61
C PRO A 17 17.65 10.20 16.63
N ALA A 18 16.58 10.88 16.21
CA ALA A 18 16.65 12.32 15.99
C ALA A 18 16.58 13.10 17.29
N SER A 19 15.77 12.66 18.25
CA SER A 19 15.53 13.45 19.45
C SER A 19 15.21 12.55 20.63
N VAL A 20 15.41 13.10 21.83
CA VAL A 20 15.06 12.41 23.07
C VAL A 20 13.60 12.72 23.40
N ARG A 21 12.79 11.69 23.54
CA ARG A 21 11.38 11.89 23.86
C ARG A 21 11.11 11.80 25.35
N GLN A 22 11.73 10.86 26.05
CA GLN A 22 11.45 10.75 27.49
C GLN A 22 12.61 10.08 28.20
N VAL A 23 12.94 10.58 29.39
CA VAL A 23 14.01 10.05 30.23
C VAL A 23 13.43 9.63 31.57
N ASN A 24 13.78 8.42 32.03
CA ASN A 24 13.41 7.90 33.33
C ASN A 24 14.69 7.53 34.09
N GLY A 25 14.83 8.05 35.30
CA GLY A 25 15.96 7.70 36.15
C GLY A 25 17.17 8.57 35.88
N SER A 26 18.25 8.26 36.60
CA SER A 26 19.51 8.98 36.44
C SER A 26 20.14 8.58 35.12
N VAL A 27 20.09 9.47 34.13
CA VAL A 27 20.70 9.23 32.82
C VAL A 27 21.47 10.48 32.40
N THR A 28 22.78 10.34 32.22
CA THR A 28 23.65 11.44 31.85
C THR A 28 23.73 11.56 30.33
N ASN A 29 23.39 12.74 29.80
CA ASN A 29 23.60 13.07 28.39
C ASN A 29 22.93 12.06 27.46
N ALA A 30 21.62 11.91 27.62
CA ALA A 30 20.87 11.01 26.75
C ALA A 30 20.96 11.47 25.29
N ALA A 31 20.98 12.79 25.08
CA ALA A 31 21.08 13.34 23.73
C ALA A 31 22.33 12.86 22.98
N ALA A 32 23.30 12.30 23.70
CA ALA A 32 24.48 11.73 23.04
C ALA A 32 24.08 10.66 22.03
N LEU A 33 23.05 9.87 22.35
CA LEU A 33 22.63 8.81 21.43
C LEU A 33 21.88 9.35 20.22
N THR A 34 21.70 10.67 20.12
CA THR A 34 21.17 11.31 18.91
C THR A 34 22.26 11.88 18.03
N GLY A 35 23.53 11.66 18.37
CA GLY A 35 24.65 12.22 17.64
C GLY A 35 25.07 13.61 18.06
N ALA A 36 24.55 14.12 19.18
CA ALA A 36 24.80 15.48 19.63
C ALA A 36 26.11 15.65 20.39
N GLY A 37 26.84 14.56 20.64
CA GLY A 37 28.14 14.67 21.28
C GLY A 37 28.23 14.01 22.63
N GLY A 38 29.38 13.39 22.92
CA GLY A 38 29.62 12.76 24.19
C GLY A 38 29.02 11.36 24.26
N GLN A 39 28.99 10.83 25.47
CA GLN A 39 28.40 9.52 25.72
C GLN A 39 27.28 9.64 26.74
N ALA A 40 26.38 8.66 26.71
CA ALA A 40 25.21 8.64 27.58
C ALA A 40 25.44 7.64 28.71
N THR A 41 25.38 8.11 29.95
CA THR A 41 25.66 7.25 31.11
C THR A 41 24.36 6.97 31.85
N PHE A 42 23.94 5.70 31.82
CA PHE A 42 22.79 5.22 32.58
C PHE A 42 23.27 4.81 33.97
N ASN A 43 22.76 5.50 35.00
CA ASN A 43 23.14 5.24 36.39
C ASN A 43 22.02 4.44 37.05
N GLY A 44 22.17 3.13 37.06
CA GLY A 44 21.18 2.26 37.68
C GLY A 44 20.00 1.99 36.77
N VAL A 45 18.90 1.58 37.41
CA VAL A 45 17.66 1.31 36.68
C VAL A 45 17.18 2.61 36.05
N SER A 46 17.06 2.60 34.73
CA SER A 46 16.74 3.81 33.97
C SER A 46 16.30 3.41 32.57
N SER A 47 15.81 4.39 31.82
CA SER A 47 15.43 4.15 30.43
C SER A 47 15.30 5.49 29.72
N VAL A 48 15.50 5.47 28.41
CA VAL A 48 15.28 6.65 27.57
C VAL A 48 14.55 6.19 26.32
N THR A 49 13.40 6.79 26.05
CA THR A 49 12.68 6.58 24.79
C THR A 49 13.07 7.68 23.83
N TYR A 50 13.65 7.28 22.69
CA TYR A 50 14.08 8.15 21.61
C TYR A 50 13.07 8.08 20.46
N ASP A 51 13.00 9.18 19.72
CA ASP A 51 12.11 9.32 18.58
C ASP A 51 12.95 9.50 17.33
N PHE A 52 12.64 8.75 16.28
CA PHE A 52 13.32 8.90 15.00
C PHE A 52 12.64 9.92 14.09
N GLY A 53 11.46 10.41 14.45
CA GLY A 53 10.80 11.37 13.58
C GLY A 53 9.91 10.69 12.56
N ILE A 54 10.38 9.57 12.00
CA ILE A 54 9.64 8.81 11.01
C ILE A 54 9.68 7.33 11.40
N ASN A 55 8.84 6.54 10.73
CA ASN A 55 8.90 5.10 10.85
C ASN A 55 10.15 4.60 10.15
N VAL A 56 10.96 3.82 10.86
CA VAL A 56 12.24 3.31 10.37
C VAL A 56 12.29 1.80 10.60
N ALA A 57 13.35 1.17 10.10
CA ALA A 57 13.45 -0.28 10.15
C ALA A 57 14.90 -0.72 10.10
N GLY A 58 15.22 -1.79 10.81
CA GLY A 58 16.52 -2.41 10.59
C GLY A 58 17.06 -3.09 11.86
N ILE A 59 18.39 -3.06 11.94
CA ILE A 59 19.17 -3.90 12.84
C ILE A 59 19.86 -3.00 13.85
N VAL A 60 19.58 -3.22 15.14
CA VAL A 60 20.10 -2.33 16.18
C VAL A 60 21.51 -2.78 16.58
N SER A 61 22.35 -1.80 16.90
CA SER A 61 23.69 -2.01 17.43
C SER A 61 23.87 -1.12 18.64
N VAL A 62 24.36 -1.69 19.73
CA VAL A 62 24.61 -0.97 20.96
C VAL A 62 26.11 -0.86 21.14
N ASP A 63 26.63 0.37 21.07
CA ASP A 63 28.05 0.63 21.30
C ASP A 63 28.24 0.96 22.77
N VAL A 64 28.93 0.10 23.49
CA VAL A 64 29.11 0.23 24.93
C VAL A 64 30.50 0.79 25.20
N ALA A 65 30.57 1.77 26.09
CA ALA A 65 31.84 2.34 26.50
C ALA A 65 32.38 1.67 27.76
N SER A 66 31.51 1.39 28.74
CA SER A 66 31.93 0.77 29.98
C SER A 66 30.73 0.19 30.70
N ALA A 67 30.99 -0.81 31.54
CA ALA A 67 29.97 -1.43 32.38
C ALA A 67 30.61 -1.80 33.71
N SER A 68 30.04 -1.31 34.81
CA SER A 68 30.64 -1.52 36.12
C SER A 68 30.48 -2.94 36.63
N SER A 69 29.36 -3.60 36.31
CA SER A 69 29.06 -4.92 36.83
C SER A 69 29.06 -5.95 35.71
N GLU A 70 29.50 -7.16 36.04
CA GLU A 70 29.48 -8.27 35.09
C GLU A 70 28.06 -8.68 34.74
N SER A 71 27.06 -8.29 35.52
CA SER A 71 25.67 -8.67 35.28
C SER A 71 24.83 -7.51 34.72
N ALA A 72 25.47 -6.51 34.11
CA ALA A 72 24.75 -5.39 33.54
C ALA A 72 24.09 -5.78 32.22
N PHE A 73 22.96 -5.14 31.93
CA PHE A 73 22.21 -5.39 30.71
C PHE A 73 21.77 -4.07 30.08
N ILE A 74 21.58 -4.10 28.78
CA ILE A 74 20.91 -3.01 28.07
C ILE A 74 19.87 -3.64 27.16
N GLY A 75 18.63 -3.21 27.29
CA GLY A 75 17.55 -3.71 26.46
C GLY A 75 17.11 -2.63 25.48
N VAL A 76 16.55 -3.07 24.35
CA VAL A 76 16.00 -2.15 23.37
C VAL A 76 14.60 -2.63 23.01
N THR A 77 13.63 -1.72 23.11
CA THR A 77 12.26 -1.97 22.68
C THR A 77 11.93 -1.04 21.53
N PHE A 78 10.99 -1.46 20.70
CA PHE A 78 10.62 -0.74 19.49
C PHE A 78 9.11 -0.65 19.42
N THR A 79 8.63 0.45 18.83
CA THR A 79 7.21 0.54 18.55
C THR A 79 6.94 1.52 17.42
N GLU A 80 5.97 1.17 16.59
CA GLU A 80 5.53 2.08 15.53
C GLU A 80 4.79 3.27 16.12
N SER A 81 3.73 3.00 16.87
CA SER A 81 2.90 4.05 17.46
C SER A 81 3.37 4.39 18.87
N SER A 82 3.22 5.66 19.22
CA SER A 82 3.65 6.10 20.54
C SER A 82 2.79 5.51 21.67
N MET A 83 1.60 4.99 21.36
CA MET A 83 0.77 4.50 22.47
C MET A 83 1.29 3.20 23.07
N TRP A 84 2.21 2.52 22.39
CA TRP A 84 2.79 1.28 22.91
C TRP A 84 4.24 1.45 23.34
N ILE A 85 4.63 2.67 23.70
CA ILE A 85 5.98 2.91 24.21
C ILE A 85 6.11 2.26 25.58
N SER A 86 7.15 1.45 25.74
CA SER A 86 7.32 0.70 26.98
C SER A 86 8.80 0.37 27.16
N ASN A 87 9.25 0.50 28.40
CA ASN A 87 10.57 0.05 28.82
C ASN A 87 10.62 -1.45 29.09
N GLU A 88 9.51 -2.16 28.86
CA GLU A 88 9.41 -3.57 29.17
C GLU A 88 9.06 -4.43 27.96
N ALA A 89 8.56 -3.84 26.87
CA ALA A 89 8.15 -4.63 25.72
C ALA A 89 8.11 -3.75 24.49
N CYS A 90 8.10 -4.40 23.33
CA CYS A 90 7.85 -3.74 22.06
C CYS A 90 6.34 -3.68 21.83
N ASP A 91 5.94 -3.31 20.61
CA ASP A 91 4.58 -3.57 20.17
C ASP A 91 4.49 -4.99 19.64
N ALA A 92 3.29 -5.39 19.24
CA ALA A 92 3.01 -6.79 18.96
C ALA A 92 3.17 -7.11 17.48
N THR A 93 3.72 -8.29 17.21
CA THR A 93 3.65 -8.91 15.89
C THR A 93 2.77 -10.14 15.87
N GLN A 94 2.62 -10.80 17.01
CA GLN A 94 1.91 -12.08 17.04
C GLN A 94 0.43 -11.88 17.36
N ASP A 95 -0.31 -12.99 17.28
CA ASP A 95 -1.75 -12.97 17.52
C ASP A 95 -2.11 -12.55 18.94
N ALA A 96 -1.21 -12.77 19.91
CA ALA A 96 -1.46 -12.42 21.30
C ALA A 96 -0.13 -12.13 21.97
N GLY A 97 -0.06 -11.03 22.72
CA GLY A 97 1.10 -10.69 23.50
C GLY A 97 2.00 -9.65 22.84
N LEU A 98 2.83 -9.02 23.66
CA LEU A 98 3.81 -8.04 23.20
C LEU A 98 5.17 -8.69 23.00
N ASP A 99 5.95 -8.14 22.08
CA ASP A 99 7.23 -8.74 21.75
C ASP A 99 8.28 -8.39 22.79
N THR A 100 9.18 -9.34 23.02
CA THR A 100 10.22 -9.18 24.02
C THR A 100 11.24 -8.15 23.58
N PRO A 101 11.75 -7.33 24.49
CA PRO A 101 12.90 -6.48 24.18
C PRO A 101 14.10 -7.30 23.73
N LEU A 102 14.97 -6.65 22.96
CA LEU A 102 16.28 -7.23 22.62
C LEU A 102 17.24 -6.95 23.75
N TRP A 103 17.71 -7.99 24.43
CA TRP A 103 18.53 -7.84 25.63
C TRP A 103 19.98 -8.14 25.30
N PHE A 104 20.87 -7.23 25.68
CA PHE A 104 22.29 -7.37 25.44
C PHE A 104 22.99 -7.42 26.79
N ALA A 105 23.64 -8.54 27.09
CA ALA A 105 24.46 -8.66 28.29
C ALA A 105 25.73 -7.85 28.12
N VAL A 106 25.67 -6.54 28.44
CA VAL A 106 26.81 -5.67 28.20
C VAL A 106 27.79 -5.68 29.35
N GLY A 107 27.55 -6.49 30.36
CA GLY A 107 28.48 -6.67 31.45
C GLY A 107 29.82 -7.30 31.12
N GLN A 108 30.08 -7.69 29.90
CA GLN A 108 31.39 -8.21 29.52
C GLN A 108 32.44 -7.12 29.44
N GLY A 109 32.15 -6.19 28.56
CA GLY A 109 33.14 -5.18 28.27
C GLY A 109 32.72 -4.34 27.09
N ALA A 110 33.70 -3.58 26.63
CA ALA A 110 33.49 -2.57 25.62
C ALA A 110 33.39 -3.20 24.25
N GLY A 111 32.48 -2.69 23.46
CA GLY A 111 32.34 -3.12 22.09
C GLY A 111 30.92 -2.94 21.60
N VAL A 112 30.72 -3.30 20.34
CA VAL A 112 29.42 -3.16 19.68
C VAL A 112 28.66 -4.48 19.80
N TYR A 113 27.45 -4.40 20.34
CA TYR A 113 26.58 -5.55 20.53
C TYR A 113 25.48 -5.54 19.48
N SER A 114 25.30 -6.68 18.81
CA SER A 114 24.24 -6.82 17.82
C SER A 114 23.95 -8.30 17.62
N VAL A 115 22.72 -8.59 17.19
CA VAL A 115 22.33 -9.94 16.83
C VAL A 115 21.87 -10.01 15.37
N GLY A 116 22.30 -9.04 14.55
CA GLY A 116 22.15 -9.14 13.12
C GLY A 116 20.72 -9.15 12.59
N LYS A 117 20.61 -9.54 11.33
CA LYS A 117 19.35 -9.46 10.59
C LYS A 117 18.33 -10.50 11.04
N LYS A 118 18.74 -11.51 11.83
CA LYS A 118 17.76 -12.46 12.34
C LYS A 118 16.71 -11.77 13.19
N TYR A 119 17.05 -10.64 13.79
CA TYR A 119 16.14 -9.88 14.64
C TYR A 119 15.90 -8.48 14.09
N THR A 120 15.77 -8.38 12.77
CA THR A 120 15.35 -7.12 12.15
C THR A 120 13.99 -6.71 12.70
N ARG A 121 13.90 -5.51 13.25
CA ARG A 121 12.61 -4.92 13.57
C ARG A 121 12.08 -4.26 12.29
N GLY A 122 10.96 -4.78 11.79
CA GLY A 122 10.52 -4.41 10.46
C GLY A 122 10.01 -2.99 10.36
N ALA A 123 9.53 -2.42 11.47
CA ALA A 123 8.97 -1.07 11.48
C ALA A 123 8.84 -0.58 12.92
N PHE A 124 9.37 0.61 13.18
CA PHE A 124 9.22 1.27 14.47
C PHE A 124 9.64 2.72 14.32
N ARG A 125 8.94 3.61 15.04
CA ARG A 125 9.34 5.01 15.13
C ARG A 125 10.00 5.34 16.45
N TYR A 126 9.58 4.70 17.54
CA TYR A 126 10.11 4.99 18.86
C TYR A 126 10.95 3.81 19.34
N MET A 127 12.08 4.11 19.95
CA MET A 127 13.03 3.10 20.42
C MET A 127 13.43 3.43 21.85
N THR A 128 13.22 2.48 22.77
CA THR A 128 13.50 2.68 24.18
C THR A 128 14.72 1.86 24.58
N VAL A 129 15.73 2.54 25.14
CA VAL A 129 16.92 1.91 25.69
C VAL A 129 16.75 1.81 27.20
N VAL A 130 16.96 0.60 27.74
CA VAL A 130 16.60 0.29 29.13
C VAL A 130 17.81 -0.29 29.84
N SER A 131 18.08 0.21 31.04
CA SER A 131 19.01 -0.42 31.98
C SER A 131 18.20 -0.93 33.16
N ASN A 132 18.16 -2.24 33.34
CA ASN A 132 17.38 -2.89 34.39
C ASN A 132 18.23 -3.35 35.57
N THR A 133 19.47 -2.88 35.66
CA THR A 133 20.41 -3.29 36.69
C THR A 133 20.91 -2.06 37.42
N THR A 134 21.36 -2.25 38.66
CA THR A 134 21.96 -1.16 39.42
C THR A 134 23.33 -0.73 38.90
N ALA A 135 23.82 -1.32 37.82
CA ALA A 135 25.13 -0.97 37.31
C ALA A 135 25.09 0.36 36.57
N THR A 136 26.25 1.00 36.48
CA THR A 136 26.43 2.20 35.67
C THR A 136 26.98 1.77 34.31
N VAL A 137 26.28 2.17 33.25
CA VAL A 137 26.63 1.76 31.89
C VAL A 137 26.73 3.01 31.03
N SER A 138 27.90 3.23 30.43
CA SER A 138 28.10 4.34 29.50
C SER A 138 28.07 3.79 28.08
N LEU A 139 27.27 4.43 27.21
CA LEU A 139 27.11 4.03 25.83
C LEU A 139 27.57 5.17 24.92
N ASN A 140 28.22 4.80 23.81
CA ASN A 140 28.61 5.78 22.81
C ASN A 140 27.52 6.05 21.79
N SER A 141 26.75 5.03 21.43
CA SER A 141 25.68 5.19 20.46
C SER A 141 24.77 3.99 20.54
N VAL A 142 23.55 4.17 20.03
CA VAL A 142 22.64 3.07 19.71
C VAL A 142 22.02 3.39 18.35
N LYS A 143 22.51 2.72 17.30
CA LYS A 143 22.13 3.09 15.94
C LYS A 143 21.42 1.94 15.24
N ILE A 144 20.89 2.24 14.06
CA ILE A 144 20.15 1.29 13.24
C ILE A 144 20.82 1.21 11.88
N ASN A 145 21.06 -0.01 11.41
CA ASN A 145 21.30 -0.26 9.99
C ASN A 145 19.94 -0.34 9.32
N TYR A 146 19.63 0.64 8.46
CA TYR A 146 18.33 0.74 7.80
C TYR A 146 18.27 -0.28 6.66
N THR A 147 17.49 -1.35 6.85
CA THR A 147 17.45 -2.46 5.90
C THR A 147 16.20 -2.51 5.05
N ALA A 148 15.23 -1.62 5.27
CA ALA A 148 14.11 -1.52 4.36
C ALA A 148 14.60 -1.07 2.99
N SER A 149 13.94 -1.57 1.94
CA SER A 149 14.35 -1.37 0.55
C SER A 149 15.86 -1.50 0.43
N PRO A 150 16.37 -2.73 0.31
CA PRO A 150 17.81 -2.95 0.50
C PRO A 150 18.68 -2.68 -0.73
N ILE A 151 18.14 -2.78 -1.94
CA ILE A 151 18.95 -2.71 -3.15
C ILE A 151 18.75 -1.39 -3.91
N GLN A 152 18.22 -0.36 -3.25
CA GLN A 152 17.86 0.89 -3.89
C GLN A 152 18.44 2.07 -3.13
N ASP A 153 18.59 3.18 -3.87
CA ASP A 153 18.81 4.49 -3.25
C ASP A 153 17.48 5.02 -2.75
N LEU A 154 17.40 5.25 -1.44
CA LEU A 154 16.11 5.49 -0.80
C LEU A 154 15.52 6.84 -1.19
N ARG A 155 16.37 7.80 -1.57
CA ARG A 155 15.90 9.15 -1.86
C ARG A 155 15.95 9.49 -3.35
N ALA A 156 16.15 8.50 -4.23
CA ALA A 156 16.23 8.74 -5.66
C ALA A 156 14.94 8.30 -6.35
N TYR A 157 13.87 9.04 -6.05
CA TYR A 157 12.56 8.76 -6.63
C TYR A 157 12.55 9.08 -8.14
N THR A 158 11.75 8.33 -8.89
CA THR A 158 11.50 8.65 -10.29
C THR A 158 10.16 9.33 -10.50
N GLY A 159 9.25 9.24 -9.52
CA GLY A 159 8.00 9.96 -9.56
C GLY A 159 7.97 11.08 -8.54
N TYR A 160 6.98 11.96 -8.71
CA TYR A 160 6.77 13.12 -7.85
C TYR A 160 5.34 13.59 -8.00
N PHE A 161 4.84 14.24 -6.95
CA PHE A 161 3.56 14.94 -6.96
C PHE A 161 3.67 16.18 -6.08
N HIS A 162 3.11 17.29 -6.56
CA HIS A 162 3.08 18.53 -5.79
C HIS A 162 1.89 19.37 -6.23
N SER A 163 1.01 19.68 -5.28
CA SER A 163 -0.18 20.49 -5.57
C SER A 163 -0.19 21.73 -4.69
N SER A 164 -1.20 22.57 -4.90
CA SER A 164 -1.43 23.71 -4.03
C SER A 164 -1.89 23.29 -2.64
N ASP A 165 -2.27 22.03 -2.45
CA ASP A 165 -2.75 21.51 -1.18
C ASP A 165 -1.59 20.75 -0.51
N GLU A 166 -1.11 21.27 0.62
CA GLU A 166 0.05 20.65 1.25
C GLU A 166 -0.29 19.32 1.90
N LEU A 167 -1.52 19.17 2.40
CA LEU A 167 -1.91 17.89 2.97
C LEU A 167 -1.87 16.79 1.92
N LEU A 168 -2.33 17.09 0.70
CA LEU A 168 -2.29 16.11 -0.38
C LEU A 168 -0.85 15.71 -0.71
N ASN A 169 0.06 16.69 -0.77
CA ASN A 169 1.46 16.38 -1.05
C ASN A 169 2.03 15.46 0.02
N ARG A 170 1.80 15.80 1.29
CA ARG A 170 2.32 14.97 2.36
C ARG A 170 1.71 13.57 2.34
N ILE A 171 0.45 13.46 1.91
CA ILE A 171 -0.18 12.14 1.81
C ILE A 171 0.47 11.30 0.70
N TRP A 172 0.72 11.92 -0.47
CA TRP A 172 1.41 11.24 -1.56
C TRP A 172 2.76 10.70 -1.11
N TYR A 173 3.57 11.55 -0.48
CA TYR A 173 4.92 11.10 -0.12
C TYR A 173 4.90 10.13 1.06
N ALA A 174 3.89 10.21 1.94
CA ALA A 174 3.75 9.21 2.98
C ALA A 174 3.42 7.84 2.39
N GLY A 175 2.58 7.80 1.35
CA GLY A 175 2.32 6.53 0.68
C GLY A 175 3.56 5.95 0.02
N ALA A 176 4.30 6.80 -0.71
CA ALA A 176 5.55 6.36 -1.31
C ALA A 176 6.51 5.79 -0.27
N TYR A 177 6.67 6.50 0.86
CA TYR A 177 7.60 6.03 1.88
C TYR A 177 7.11 4.74 2.53
N THR A 178 5.80 4.62 2.76
CA THR A 178 5.23 3.37 3.25
C THR A 178 5.64 2.21 2.35
N LEU A 179 5.52 2.41 1.04
CA LEU A 179 5.88 1.33 0.11
C LEU A 179 7.36 1.00 0.21
N GLN A 180 8.21 2.02 0.34
CA GLN A 180 9.63 1.77 0.56
C GLN A 180 9.86 0.91 1.81
N LEU A 181 9.10 1.16 2.89
CA LEU A 181 9.33 0.41 4.12
C LEU A 181 8.92 -1.05 3.99
N CYS A 182 7.93 -1.34 3.15
CA CYS A 182 7.41 -2.70 2.98
C CYS A 182 8.22 -3.53 2.00
N SER A 183 9.23 -2.95 1.36
CA SER A 183 10.18 -3.68 0.53
C SER A 183 11.32 -4.14 1.42
N ILE A 184 11.43 -5.45 1.64
CA ILE A 184 12.36 -6.00 2.62
C ILE A 184 13.39 -6.87 1.91
N ASP A 185 14.47 -7.16 2.64
CA ASP A 185 15.36 -8.25 2.28
C ASP A 185 14.58 -9.56 2.36
N PRO A 186 14.49 -10.35 1.28
CA PRO A 186 13.60 -11.52 1.32
C PRO A 186 14.01 -12.57 2.33
N THR A 187 15.25 -12.54 2.82
CA THR A 187 15.73 -13.51 3.80
C THR A 187 15.33 -13.18 5.22
N THR A 188 14.54 -12.13 5.42
CA THR A 188 14.09 -11.71 6.75
C THR A 188 12.56 -11.69 6.82
N GLY A 189 11.91 -12.63 6.13
CA GLY A 189 10.47 -12.67 6.07
C GLY A 189 9.84 -13.50 7.18
N ASP A 190 8.51 -13.59 7.11
CA ASP A 190 7.67 -14.27 8.10
C ASP A 190 7.87 -13.73 9.51
N ALA A 191 7.16 -12.65 9.85
CA ALA A 191 7.09 -12.20 11.23
C ALA A 191 6.18 -13.08 12.09
N LEU A 192 5.33 -13.90 11.48
CA LEU A 192 4.38 -14.74 12.21
C LEU A 192 5.02 -16.09 12.54
N VAL A 193 6.11 -16.01 13.31
CA VAL A 193 6.84 -17.21 13.71
C VAL A 193 6.07 -18.06 14.70
N GLY A 194 4.93 -17.60 15.18
CA GLY A 194 4.13 -18.37 16.11
C GLY A 194 2.84 -18.90 15.51
N LEU A 195 2.76 -18.95 14.18
CA LEU A 195 1.55 -19.41 13.51
C LEU A 195 1.26 -20.86 13.88
N GLY A 196 0.10 -21.09 14.49
CA GLY A 196 -0.27 -22.41 14.95
C GLY A 196 -0.21 -22.55 16.47
N ALA A 197 0.78 -21.89 17.07
CA ALA A 197 0.99 -21.94 18.51
C ALA A 197 0.22 -20.82 19.24
N ILE A 198 0.37 -19.59 18.78
CA ILE A 198 -0.29 -18.43 19.38
C ILE A 198 -1.44 -18.02 18.48
N THR A 199 -2.65 -18.04 19.02
CA THR A 199 -3.85 -17.67 18.30
C THR A 199 -4.54 -16.50 19.01
N SER A 200 -5.59 -15.98 18.38
CA SER A 200 -6.37 -14.90 19.00
C SER A 200 -6.94 -15.34 20.34
N SER A 201 -7.43 -16.58 20.43
CA SER A 201 -7.95 -17.13 21.68
C SER A 201 -6.78 -17.54 22.56
N GLU A 202 -6.19 -16.53 23.21
CA GLU A 202 -5.10 -16.71 24.16
C GLU A 202 -4.90 -15.41 24.91
N THR A 203 -4.12 -15.47 25.98
CA THR A 203 -3.77 -14.28 26.75
C THR A 203 -2.31 -14.37 27.17
N ILE A 204 -1.53 -13.35 26.80
CA ILE A 204 -0.15 -13.22 27.25
C ILE A 204 -0.09 -12.09 28.26
N THR A 205 0.27 -12.43 29.50
CA THR A 205 0.20 -11.50 30.61
C THR A 205 1.25 -10.40 30.49
N LEU A 206 1.17 -9.43 31.41
CA LEU A 206 2.07 -8.28 31.37
C LEU A 206 3.54 -8.67 31.48
N PRO A 207 3.97 -9.52 32.44
CA PRO A 207 5.40 -9.92 32.45
C PRO A 207 5.76 -10.93 31.37
N GLN A 208 4.79 -11.61 30.76
CA GLN A 208 5.07 -12.53 29.68
C GLN A 208 5.24 -11.77 28.36
N THR A 209 6.19 -12.23 27.55
CA THR A 209 6.48 -11.58 26.28
C THR A 209 6.66 -12.63 25.19
N ASP A 210 6.51 -12.20 23.94
CA ASP A 210 6.69 -13.04 22.76
C ASP A 210 8.11 -12.90 22.23
N LYS A 211 8.75 -14.02 21.94
CA LYS A 211 10.00 -13.99 21.19
C LYS A 211 9.71 -13.86 19.70
N TRP A 212 10.65 -13.24 18.99
CA TRP A 212 10.45 -12.94 17.58
C TRP A 212 11.78 -13.04 16.84
N TRP A 213 11.68 -13.31 15.54
CA TRP A 213 12.85 -13.33 14.68
C TRP A 213 12.38 -13.16 13.24
N THR A 214 13.35 -12.91 12.36
CA THR A 214 13.12 -12.71 10.92
C THR A 214 14.15 -13.54 10.17
N ASN A 215 13.79 -14.77 9.77
CA ASN A 215 14.76 -15.59 9.06
C ASN A 215 14.13 -16.57 8.07
N TYR A 216 12.90 -16.32 7.61
CA TYR A 216 12.31 -17.13 6.55
C TYR A 216 12.53 -16.43 5.22
N THR A 217 13.10 -17.15 4.26
CA THR A 217 13.29 -16.58 2.92
C THR A 217 11.98 -16.74 2.15
N ILE A 218 11.28 -15.62 1.94
CA ILE A 218 9.93 -15.68 1.40
C ILE A 218 9.87 -15.59 -0.13
N THR A 219 10.89 -15.03 -0.78
CA THR A 219 10.95 -14.96 -2.23
C THR A 219 12.38 -15.23 -2.71
N ASN A 220 12.54 -15.31 -4.03
CA ASN A 220 13.86 -15.29 -4.62
C ASN A 220 14.25 -13.84 -4.93
N GLY A 221 15.53 -13.65 -5.20
CA GLY A 221 16.02 -12.30 -5.42
C GLY A 221 16.41 -11.59 -4.15
N SER A 222 16.68 -10.29 -4.30
CA SER A 222 17.31 -9.49 -3.24
C SER A 222 16.38 -8.44 -2.63
N SER A 223 15.11 -8.41 -3.03
CA SER A 223 14.16 -7.44 -2.52
C SER A 223 12.76 -7.91 -2.89
N THR A 224 11.80 -7.67 -2.00
CA THR A 224 10.43 -8.04 -2.29
C THR A 224 9.46 -7.15 -1.49
N LEU A 225 8.28 -6.94 -2.07
CA LEU A 225 7.24 -6.13 -1.46
C LEU A 225 6.33 -7.00 -0.61
N THR A 226 6.16 -6.61 0.66
CA THR A 226 5.34 -7.37 1.60
C THR A 226 4.12 -6.54 1.98
N ASP A 227 3.27 -7.14 2.83
CA ASP A 227 2.03 -6.46 3.22
C ASP A 227 2.31 -5.35 4.24
N GLY A 228 3.12 -5.65 5.26
CA GLY A 228 3.48 -4.72 6.30
C GLY A 228 4.92 -4.88 6.75
N ALA A 229 5.60 -3.77 7.01
CA ALA A 229 7.02 -3.83 7.35
C ALA A 229 7.25 -4.52 8.68
N LYS A 230 6.45 -4.19 9.70
CA LYS A 230 6.60 -4.86 10.99
C LYS A 230 6.04 -6.28 10.92
N ARG A 231 4.92 -6.45 10.23
CA ARG A 231 4.13 -7.68 10.24
C ARG A 231 3.11 -7.55 9.11
N ASP A 232 2.87 -8.65 8.38
CA ASP A 232 3.33 -10.03 8.44
C ASP A 232 4.73 -10.27 7.88
N ARG A 233 5.26 -9.30 7.12
CA ARG A 233 6.47 -9.51 6.31
C ARG A 233 6.30 -10.71 5.38
N LEU A 234 5.10 -10.84 4.83
CA LEU A 234 4.75 -11.90 3.89
C LEU A 234 4.19 -11.27 2.62
N VAL A 235 4.10 -12.08 1.57
CA VAL A 235 3.56 -11.61 0.30
C VAL A 235 2.07 -11.88 0.25
N TRP A 236 1.28 -10.84 -0.03
CA TRP A 236 -0.17 -10.93 -0.08
C TRP A 236 -0.68 -10.38 -1.41
N PRO A 237 -1.46 -11.14 -2.18
CA PRO A 237 -1.86 -10.67 -3.52
C PRO A 237 -2.84 -9.51 -3.49
N GLY A 238 -3.79 -9.50 -2.55
CA GLY A 238 -4.77 -8.42 -2.53
C GLY A 238 -4.13 -7.07 -2.27
N ASP A 239 -3.11 -7.04 -1.42
CA ASP A 239 -2.43 -5.78 -1.11
C ASP A 239 -1.76 -5.19 -2.35
N MET A 240 -1.35 -6.03 -3.30
CA MET A 240 -0.68 -5.51 -4.49
C MET A 240 -1.64 -4.77 -5.40
N SER A 241 -2.93 -5.14 -5.38
CA SER A 241 -3.95 -4.46 -6.16
C SER A 241 -4.08 -2.97 -5.82
N ILE A 242 -3.47 -2.51 -4.72
CA ILE A 242 -3.27 -1.10 -4.47
C ILE A 242 -1.79 -0.72 -4.54
N ALA A 243 -0.91 -1.59 -4.03
CA ALA A 243 0.50 -1.24 -3.88
C ALA A 243 1.25 -1.11 -5.21
N LEU A 244 0.89 -1.89 -6.25
CA LEU A 244 1.69 -1.91 -7.47
C LEU A 244 1.70 -0.56 -8.16
N GLU A 245 0.51 0.01 -8.41
CA GLU A 245 0.44 1.28 -9.11
C GLU A 245 1.06 2.42 -8.31
N SER A 246 1.01 2.33 -6.98
CA SER A 246 1.62 3.38 -6.17
C SER A 246 3.15 3.26 -6.17
N VAL A 247 3.68 2.02 -6.24
CA VAL A 247 5.11 1.82 -6.43
C VAL A 247 5.54 2.34 -7.80
N ALA A 248 4.71 2.11 -8.81
CA ALA A 248 5.09 2.39 -10.18
C ALA A 248 5.21 3.88 -10.45
N VAL A 249 4.43 4.73 -9.78
CA VAL A 249 4.44 6.16 -10.03
C VAL A 249 5.35 6.93 -9.07
N SER A 250 5.93 6.26 -8.08
CA SER A 250 6.81 6.91 -7.12
C SER A 250 8.22 6.35 -7.19
N THR A 251 8.45 5.12 -6.69
CA THR A 251 9.79 4.58 -6.61
C THR A 251 10.23 3.86 -7.88
N GLU A 252 9.27 3.29 -8.63
CA GLU A 252 9.53 2.45 -9.80
C GLU A 252 10.30 1.17 -9.43
N ASP A 253 10.29 0.80 -8.15
CA ASP A 253 10.89 -0.45 -7.69
C ASP A 253 9.92 -1.61 -7.94
N LEU A 254 9.64 -1.83 -9.24
CA LEU A 254 8.78 -2.93 -9.64
C LEU A 254 9.50 -4.28 -9.61
N TYR A 255 10.80 -4.30 -9.29
CA TYR A 255 11.51 -5.55 -9.12
C TYR A 255 11.02 -6.30 -7.87
N SER A 256 10.70 -5.56 -6.81
CA SER A 256 10.17 -6.18 -5.59
C SER A 256 8.76 -6.71 -5.82
N VAL A 257 7.95 -5.95 -6.55
CA VAL A 257 6.65 -6.43 -6.99
C VAL A 257 6.79 -7.69 -7.82
N ARG A 258 7.80 -7.73 -8.70
CA ARG A 258 7.99 -8.88 -9.56
C ARG A 258 8.39 -10.12 -8.77
N THR A 259 9.31 -9.97 -7.81
CA THR A 259 9.67 -11.13 -7.00
C THR A 259 8.48 -11.65 -6.20
N ALA A 260 7.67 -10.73 -5.64
CA ALA A 260 6.48 -11.14 -4.91
C ALA A 260 5.51 -11.90 -5.82
N LEU A 261 5.22 -11.35 -7.00
CA LEU A 261 4.34 -12.01 -7.97
C LEU A 261 4.86 -13.39 -8.36
N GLU A 262 6.15 -13.49 -8.67
CA GLU A 262 6.70 -14.77 -9.09
C GLU A 262 6.61 -15.81 -7.97
N SER A 263 6.90 -15.40 -6.74
CA SER A 263 6.77 -16.32 -5.62
C SER A 263 5.33 -16.79 -5.47
N LEU A 264 4.36 -15.90 -5.70
CA LEU A 264 2.96 -16.32 -5.63
C LEU A 264 2.63 -17.34 -6.72
N TYR A 265 3.01 -17.04 -7.96
CA TYR A 265 2.66 -17.94 -9.05
C TYR A 265 3.34 -19.30 -8.92
N ALA A 266 4.51 -19.33 -8.28
CA ALA A 266 5.21 -20.58 -7.99
C ALA A 266 4.40 -21.52 -7.10
N LEU A 267 3.31 -21.05 -6.50
CA LEU A 267 2.49 -21.89 -5.63
C LEU A 267 1.18 -22.32 -6.28
N GLN A 268 1.01 -22.09 -7.58
CA GLN A 268 -0.26 -22.39 -8.23
C GLN A 268 -0.54 -23.88 -8.21
N LYS A 269 -1.79 -24.24 -7.95
CA LYS A 269 -2.16 -25.64 -7.96
C LYS A 269 -2.33 -26.12 -9.40
N ALA A 270 -2.40 -27.45 -9.57
CA ALA A 270 -2.50 -28.01 -10.91
C ALA A 270 -3.77 -27.56 -11.62
N ASP A 271 -4.84 -27.32 -10.87
CA ASP A 271 -6.10 -26.87 -11.46
C ASP A 271 -6.12 -25.37 -11.73
N GLY A 272 -5.07 -24.65 -11.36
CA GLY A 272 -4.97 -23.22 -11.62
C GLY A 272 -5.19 -22.32 -10.41
N GLN A 273 -5.46 -22.88 -9.23
CA GLN A 273 -5.77 -22.06 -8.07
C GLN A 273 -4.51 -21.34 -7.58
N LEU A 274 -4.58 -20.03 -7.51
CA LEU A 274 -3.48 -19.23 -6.98
C LEU A 274 -3.63 -19.04 -5.48
N PRO A 275 -2.53 -18.80 -4.77
CA PRO A 275 -2.57 -18.89 -3.30
C PRO A 275 -3.20 -17.67 -2.63
N TYR A 276 -3.61 -17.90 -1.38
CA TYR A 276 -4.12 -16.83 -0.52
C TYR A 276 -2.99 -15.93 -0.06
N ALA A 277 -1.82 -16.51 0.18
CA ALA A 277 -0.64 -15.76 0.59
C ALA A 277 0.59 -16.60 0.26
N GLY A 278 1.77 -15.98 0.38
CA GLY A 278 3.01 -16.68 0.16
C GLY A 278 3.39 -17.58 1.33
N LYS A 279 4.44 -18.38 1.11
CA LYS A 279 4.96 -19.27 2.13
C LYS A 279 5.47 -18.48 3.33
N PRO A 280 5.36 -19.02 4.55
CA PRO A 280 4.76 -20.31 4.91
C PRO A 280 3.35 -20.20 5.46
N PHE A 281 2.54 -19.26 4.98
CA PHE A 281 1.19 -19.11 5.48
C PHE A 281 0.32 -20.28 5.02
N TYR A 282 -0.74 -20.55 5.80
CA TYR A 282 -1.61 -21.70 5.57
C TYR A 282 -2.11 -21.75 4.14
N ASP A 283 -2.04 -22.95 3.54
CA ASP A 283 -2.65 -23.19 2.25
C ASP A 283 -4.16 -23.01 2.38
N THR A 284 -4.68 -21.89 1.89
CA THR A 284 -6.07 -21.50 2.08
C THR A 284 -6.70 -21.15 0.74
N VAL A 285 -7.96 -21.55 0.55
CA VAL A 285 -8.70 -21.21 -0.66
C VAL A 285 -9.32 -19.83 -0.48
N SER A 286 -9.01 -18.94 -1.40
CA SER A 286 -9.61 -17.61 -1.43
C SER A 286 -9.84 -17.26 -2.89
N PHE A 287 -11.10 -17.22 -3.30
CA PHE A 287 -11.44 -16.73 -4.62
C PHE A 287 -10.76 -15.39 -4.86
N THR A 288 -11.20 -14.37 -4.12
CA THR A 288 -10.83 -13.00 -4.40
C THR A 288 -9.31 -12.81 -4.49
N TYR A 289 -8.54 -13.52 -3.65
CA TYR A 289 -7.10 -13.29 -3.67
C TYR A 289 -6.42 -13.97 -4.88
N HIS A 290 -6.95 -15.11 -5.32
CA HIS A 290 -6.57 -15.68 -6.61
C HIS A 290 -6.81 -14.69 -7.75
N LEU A 291 -7.99 -14.05 -7.76
CA LEU A 291 -8.23 -13.01 -8.77
C LEU A 291 -7.30 -11.82 -8.59
N HIS A 292 -6.88 -11.52 -7.36
CA HIS A 292 -5.94 -10.41 -7.17
C HIS A 292 -4.56 -10.76 -7.75
N SER A 293 -4.16 -12.03 -7.66
CA SER A 293 -2.93 -12.47 -8.32
C SER A 293 -3.00 -12.27 -9.84
N LEU A 294 -4.16 -12.60 -10.43
CA LEU A 294 -4.35 -12.33 -11.85
C LEU A 294 -4.29 -10.82 -12.16
N VAL A 295 -4.99 -10.01 -11.35
CA VAL A 295 -4.96 -8.56 -11.48
C VAL A 295 -3.54 -8.05 -11.43
N GLY A 296 -2.74 -8.61 -10.50
CA GLY A 296 -1.39 -8.12 -10.31
C GLY A 296 -0.50 -8.43 -11.49
N ALA A 297 -0.58 -9.65 -12.01
CA ALA A 297 0.17 -9.97 -13.22
C ALA A 297 -0.20 -9.01 -14.36
N ALA A 298 -1.50 -8.74 -14.52
CA ALA A 298 -1.94 -7.84 -15.57
C ALA A 298 -1.35 -6.44 -15.39
N SER A 299 -1.41 -5.89 -14.17
CA SER A 299 -0.90 -4.54 -13.92
C SER A 299 0.63 -4.49 -14.05
N TYR A 300 1.32 -5.56 -13.65
CA TYR A 300 2.77 -5.60 -13.80
C TYR A 300 3.16 -5.52 -15.27
N TYR A 301 2.50 -6.32 -16.11
CA TYR A 301 2.76 -6.20 -17.55
C TYR A 301 2.42 -4.81 -18.06
N GLN A 302 1.30 -4.24 -17.58
CA GLN A 302 0.87 -2.94 -18.04
C GLN A 302 1.94 -1.88 -17.80
N TYR A 303 2.54 -1.88 -16.62
CA TYR A 303 3.50 -0.83 -16.32
C TYR A 303 4.91 -1.13 -16.80
N THR A 304 5.35 -2.41 -16.79
CA THR A 304 6.70 -2.71 -17.26
C THR A 304 6.78 -2.91 -18.77
N GLY A 305 5.69 -3.36 -19.40
CA GLY A 305 5.75 -3.69 -20.81
C GLY A 305 6.65 -4.88 -21.10
N ASP A 306 6.84 -5.76 -20.12
CA ASP A 306 7.73 -6.91 -20.22
C ASP A 306 7.04 -8.00 -21.03
N ARG A 307 7.36 -8.06 -22.32
CA ARG A 307 6.79 -9.11 -23.16
C ARG A 307 7.29 -10.49 -22.73
N ALA A 308 8.59 -10.60 -22.43
CA ALA A 308 9.14 -11.88 -22.03
C ALA A 308 8.46 -12.42 -20.78
N TRP A 309 8.20 -11.55 -19.80
CA TRP A 309 7.57 -11.99 -18.56
C TRP A 309 6.15 -12.48 -18.80
N LEU A 310 5.36 -11.68 -19.53
CA LEU A 310 3.99 -12.08 -19.86
C LEU A 310 3.97 -13.38 -20.66
N THR A 311 4.93 -13.57 -21.55
CA THR A 311 5.00 -14.82 -22.31
C THR A 311 5.31 -16.00 -21.40
N ARG A 312 6.28 -15.82 -20.49
CA ARG A 312 6.58 -16.86 -19.50
C ARG A 312 5.32 -17.26 -18.73
N TYR A 313 4.51 -16.28 -18.32
CA TYR A 313 3.46 -16.55 -17.34
C TYR A 313 2.05 -16.64 -17.92
N TRP A 314 1.89 -16.50 -19.25
CA TRP A 314 0.55 -16.47 -19.84
C TRP A 314 -0.19 -17.80 -19.68
N GLY A 315 0.53 -18.93 -19.71
CA GLY A 315 -0.12 -20.20 -19.48
C GLY A 315 -0.73 -20.28 -18.09
N GLN A 316 0.06 -19.91 -17.08
CA GLN A 316 -0.43 -19.88 -15.70
C GLN A 316 -1.61 -18.90 -15.56
N TYR A 317 -1.52 -17.74 -16.22
CA TYR A 317 -2.59 -16.76 -16.12
C TYR A 317 -3.90 -17.29 -16.70
N LYS A 318 -3.80 -17.97 -17.84
CA LYS A 318 -5.00 -18.55 -18.44
C LYS A 318 -5.56 -19.68 -17.60
N LYS A 319 -4.67 -20.49 -16.99
CA LYS A 319 -5.13 -21.53 -16.08
C LYS A 319 -5.86 -20.94 -14.88
N GLY A 320 -5.37 -19.81 -14.36
CA GLY A 320 -6.06 -19.15 -13.26
C GLY A 320 -7.41 -18.60 -13.67
N VAL A 321 -7.48 -17.96 -14.84
CA VAL A 321 -8.77 -17.49 -15.36
C VAL A 321 -9.75 -18.65 -15.48
N GLN A 322 -9.25 -19.81 -15.94
CA GLN A 322 -10.11 -20.99 -16.05
C GLN A 322 -10.59 -21.46 -14.69
N TRP A 323 -9.70 -21.47 -13.69
CA TRP A 323 -10.10 -21.84 -12.35
C TRP A 323 -11.21 -20.95 -11.83
N ALA A 324 -11.05 -19.63 -12.00
CA ALA A 324 -12.07 -18.70 -11.52
C ALA A 324 -13.39 -18.87 -12.26
N LEU A 325 -13.33 -19.07 -13.58
CA LEU A 325 -14.54 -19.26 -14.36
C LEU A 325 -15.25 -20.55 -14.01
N SER A 326 -14.53 -21.53 -13.45
CA SER A 326 -15.20 -22.75 -13.02
C SER A 326 -16.24 -22.49 -11.93
N GLY A 327 -16.19 -21.33 -11.27
CA GLY A 327 -17.17 -21.02 -10.24
C GLY A 327 -18.46 -20.42 -10.78
N VAL A 328 -18.47 -19.96 -12.03
CA VAL A 328 -19.67 -19.41 -12.64
C VAL A 328 -20.72 -20.51 -12.76
N ASP A 329 -21.99 -20.14 -12.56
CA ASP A 329 -23.09 -21.10 -12.55
C ASP A 329 -24.14 -20.73 -13.60
N SER A 330 -25.30 -21.39 -13.52
CA SER A 330 -26.40 -21.13 -14.44
C SER A 330 -26.80 -19.66 -14.44
N THR A 331 -26.85 -19.04 -13.26
CA THR A 331 -27.20 -17.63 -13.14
C THR A 331 -26.34 -16.75 -14.04
N GLY A 332 -25.09 -17.15 -14.27
CA GLY A 332 -24.11 -16.31 -14.93
C GLY A 332 -23.17 -15.59 -13.99
N LEU A 333 -23.29 -15.85 -12.69
CA LEU A 333 -22.45 -15.26 -11.66
C LEU A 333 -21.64 -16.35 -10.96
N ALA A 334 -20.46 -15.97 -10.47
CA ALA A 334 -19.68 -16.87 -9.63
C ALA A 334 -20.39 -17.08 -8.30
N ASN A 335 -20.48 -18.33 -7.87
CA ASN A 335 -21.06 -18.70 -6.59
C ASN A 335 -19.89 -19.08 -5.68
N ILE A 336 -19.51 -18.16 -4.80
CA ILE A 336 -18.26 -18.27 -4.06
C ILE A 336 -18.47 -19.17 -2.85
N THR A 337 -17.67 -20.23 -2.74
CA THR A 337 -17.75 -21.16 -1.63
C THR A 337 -16.65 -20.95 -0.60
N ALA A 338 -15.72 -20.02 -0.84
CA ALA A 338 -14.63 -19.72 0.08
C ALA A 338 -14.86 -18.37 0.73
N SER A 339 -14.76 -18.33 2.06
CA SER A 339 -15.08 -17.12 2.81
C SER A 339 -13.88 -16.20 3.02
N ALA A 340 -12.67 -16.62 2.63
CA ALA A 340 -11.46 -15.85 2.93
C ALA A 340 -11.33 -14.67 1.96
N ASP A 341 -11.21 -13.46 2.53
CA ASP A 341 -10.93 -12.26 1.76
C ASP A 341 -9.92 -11.37 2.51
N TRP A 342 -10.15 -10.06 2.52
CA TRP A 342 -9.17 -9.12 3.06
C TRP A 342 -9.29 -8.94 4.57
N LEU A 343 -9.86 -9.95 5.25
CA LEU A 343 -10.24 -9.94 6.65
C LEU A 343 -11.59 -9.25 6.83
N ARG A 344 -12.50 -9.47 5.88
CA ARG A 344 -13.89 -9.04 5.97
C ARG A 344 -14.77 -10.26 6.25
N PHE A 345 -16.08 -10.03 6.33
CA PHE A 345 -17.02 -11.10 6.64
C PHE A 345 -18.03 -11.27 5.52
N GLY A 346 -18.58 -12.47 5.41
CA GLY A 346 -19.68 -12.73 4.52
C GLY A 346 -19.33 -12.99 3.08
N MET A 347 -18.10 -13.41 2.79
CA MET A 347 -17.73 -13.75 1.42
C MET A 347 -18.39 -15.07 1.03
N GLY A 348 -19.28 -15.04 0.05
CA GLY A 348 -19.99 -16.24 -0.37
C GLY A 348 -21.13 -15.90 -1.30
N ALA A 349 -21.71 -16.95 -1.87
CA ALA A 349 -22.87 -16.88 -2.78
C ALA A 349 -22.50 -15.97 -3.95
N HIS A 350 -23.45 -15.19 -4.46
CA HIS A 350 -23.20 -14.29 -5.59
C HIS A 350 -22.72 -12.94 -5.05
N ASN A 351 -21.51 -12.96 -4.52
CA ASN A 351 -20.96 -11.77 -3.87
C ASN A 351 -20.62 -10.71 -4.90
N ILE A 352 -21.07 -9.47 -4.65
CA ILE A 352 -20.88 -8.41 -5.63
C ILE A 352 -19.40 -8.11 -5.83
N GLU A 353 -18.60 -8.12 -4.75
CA GLU A 353 -17.18 -7.81 -4.88
C GLU A 353 -16.44 -8.85 -5.70
N ALA A 354 -16.69 -10.13 -5.42
CA ALA A 354 -16.01 -11.19 -6.16
C ALA A 354 -16.35 -11.12 -7.65
N ASN A 355 -17.62 -10.88 -7.98
CA ASN A 355 -18.01 -10.83 -9.38
C ASN A 355 -17.53 -9.56 -10.08
N ALA A 356 -17.45 -8.44 -9.37
CA ALA A 356 -16.87 -7.24 -9.97
C ALA A 356 -15.38 -7.43 -10.26
N ILE A 357 -14.64 -8.03 -9.31
CA ILE A 357 -13.23 -8.31 -9.57
C ILE A 357 -13.09 -9.32 -10.71
N LEU A 358 -14.01 -10.27 -10.85
CA LEU A 358 -13.99 -11.19 -11.98
C LEU A 358 -14.21 -10.46 -13.30
N TYR A 359 -15.18 -9.55 -13.34
CA TYR A 359 -15.38 -8.75 -14.55
C TYR A 359 -14.10 -8.00 -14.92
N TYR A 360 -13.48 -7.37 -13.92
CA TYR A 360 -12.24 -6.63 -14.15
C TYR A 360 -11.15 -7.55 -14.70
N VAL A 361 -11.01 -8.73 -14.10
CA VAL A 361 -9.99 -9.70 -14.52
C VAL A 361 -10.25 -10.18 -15.94
N LEU A 362 -11.51 -10.44 -16.28
CA LEU A 362 -11.85 -10.88 -17.62
C LEU A 362 -11.49 -9.83 -18.67
N ASN A 363 -11.77 -8.56 -18.37
CA ASN A 363 -11.42 -7.52 -19.34
C ASN A 363 -9.90 -7.36 -19.45
N ASP A 364 -9.20 -7.47 -18.32
CA ASP A 364 -7.74 -7.52 -18.35
C ASP A 364 -7.24 -8.66 -19.24
N ALA A 365 -7.86 -9.84 -19.10
CA ALA A 365 -7.43 -11.02 -19.83
C ALA A 365 -7.69 -10.87 -21.32
N ILE A 366 -8.82 -10.26 -21.70
CA ILE A 366 -9.10 -10.03 -23.11
C ILE A 366 -8.07 -9.09 -23.71
N SER A 367 -7.80 -7.96 -23.03
CA SER A 367 -6.81 -7.03 -23.56
C SER A 367 -5.43 -7.70 -23.69
N LEU A 368 -5.07 -8.56 -22.73
CA LEU A 368 -3.79 -9.28 -22.82
C LEU A 368 -3.77 -10.26 -23.99
N ALA A 369 -4.86 -11.02 -24.15
CA ALA A 369 -4.95 -11.98 -25.25
C ALA A 369 -4.86 -11.27 -26.60
N GLN A 370 -5.43 -10.06 -26.72
CA GLN A 370 -5.26 -9.31 -27.95
C GLN A 370 -3.81 -8.85 -28.12
N SER A 371 -3.16 -8.45 -27.02
CA SER A 371 -1.74 -8.11 -27.11
C SER A 371 -0.90 -9.27 -27.62
N LEU A 372 -1.25 -10.49 -27.21
CA LEU A 372 -0.48 -11.67 -27.56
C LEU A 372 -0.96 -12.35 -28.84
N ASN A 373 -2.05 -11.85 -29.43
CA ASN A 373 -2.65 -12.47 -30.61
C ASN A 373 -3.09 -13.90 -30.32
N ASP A 374 -3.54 -14.14 -29.09
CA ASP A 374 -4.15 -15.40 -28.68
C ASP A 374 -5.66 -15.21 -28.65
N ASN A 375 -6.27 -15.32 -29.82
CA ASN A 375 -7.69 -15.00 -29.99
C ASN A 375 -8.61 -16.07 -29.44
N ALA A 376 -8.15 -17.33 -29.43
CA ALA A 376 -9.00 -18.46 -29.07
C ALA A 376 -9.79 -18.27 -27.77
N PRO A 377 -9.17 -17.88 -26.64
CA PRO A 377 -9.95 -17.77 -25.39
C PRO A 377 -10.90 -16.58 -25.34
N ILE A 378 -10.86 -15.65 -26.29
CA ILE A 378 -11.54 -14.37 -26.11
C ILE A 378 -13.05 -14.56 -26.01
N ARG A 379 -13.65 -15.24 -27.01
CA ARG A 379 -15.11 -15.38 -27.12
C ARG A 379 -15.76 -15.67 -25.76
N ASN A 380 -15.55 -16.88 -25.23
CA ASN A 380 -16.09 -17.24 -23.92
C ASN A 380 -15.97 -16.10 -22.93
N TRP A 381 -14.74 -15.64 -22.72
CA TRP A 381 -14.48 -14.54 -21.79
C TRP A 381 -15.47 -13.40 -21.99
N THR A 382 -15.48 -12.81 -23.19
CA THR A 382 -16.40 -11.72 -23.49
C THR A 382 -17.81 -12.07 -23.05
N ALA A 383 -18.32 -13.21 -23.55
CA ALA A 383 -19.67 -13.64 -23.21
C ALA A 383 -19.86 -13.68 -21.70
N THR A 384 -18.98 -14.40 -21.01
CA THR A 384 -19.10 -14.52 -19.56
C THR A 384 -19.13 -13.15 -18.91
N ALA A 385 -18.19 -12.29 -19.32
CA ALA A 385 -18.14 -10.94 -18.78
C ALA A 385 -19.50 -10.28 -18.89
N ALA A 386 -20.03 -10.25 -20.12
CA ALA A 386 -21.34 -9.65 -20.35
C ALA A 386 -22.36 -10.19 -19.37
N ARG A 387 -22.43 -11.52 -19.27
CA ARG A 387 -23.42 -12.15 -18.39
C ARG A 387 -23.31 -11.60 -16.99
N ILE A 388 -22.08 -11.59 -16.45
CA ILE A 388 -21.86 -11.05 -15.10
C ILE A 388 -22.57 -9.71 -14.99
N LYS A 389 -22.15 -8.75 -15.81
CA LYS A 389 -22.77 -7.43 -15.82
C LYS A 389 -24.28 -7.58 -15.84
N THR A 390 -24.79 -8.22 -16.89
CA THR A 390 -26.24 -8.29 -17.10
C THR A 390 -26.93 -8.85 -15.87
N VAL A 391 -26.38 -9.89 -15.27
CA VAL A 391 -27.07 -10.50 -14.14
C VAL A 391 -26.78 -9.77 -12.84
N ALA A 392 -25.55 -9.24 -12.67
CA ALA A 392 -25.19 -8.64 -11.40
C ALA A 392 -26.05 -7.42 -11.10
N ASN A 393 -26.43 -6.67 -12.14
CA ASN A 393 -27.30 -5.52 -11.96
C ASN A 393 -28.77 -5.88 -11.91
N GLU A 394 -29.13 -7.11 -12.25
CA GLU A 394 -30.53 -7.52 -12.13
C GLU A 394 -30.83 -8.11 -10.78
N LEU A 395 -29.89 -8.86 -10.21
CA LEU A 395 -30.10 -9.63 -9.00
C LEU A 395 -29.43 -9.03 -7.79
N LEU A 396 -28.56 -8.04 -7.97
CA LEU A 396 -27.82 -7.45 -6.87
C LEU A 396 -28.02 -5.95 -6.72
N TRP A 397 -28.62 -5.28 -7.70
CA TRP A 397 -28.78 -3.84 -7.65
C TRP A 397 -29.98 -3.47 -6.78
N ASP A 398 -29.75 -2.59 -5.81
CA ASP A 398 -30.81 -2.05 -4.96
C ASP A 398 -31.12 -0.64 -5.42
N ASP A 399 -32.18 -0.49 -6.21
CA ASP A 399 -32.49 0.82 -6.79
C ASP A 399 -32.85 1.83 -5.73
N LYS A 400 -33.36 1.38 -4.57
CA LYS A 400 -33.89 2.32 -3.59
C LYS A 400 -32.76 2.96 -2.78
N ASN A 401 -31.74 2.19 -2.44
CA ASN A 401 -30.60 2.67 -1.68
C ASN A 401 -29.42 3.08 -2.55
N GLY A 402 -29.53 2.90 -3.87
CA GLY A 402 -28.49 3.34 -4.79
C GLY A 402 -27.18 2.61 -4.71
N LEU A 403 -27.17 1.39 -4.17
CA LEU A 403 -25.97 0.56 -4.02
C LEU A 403 -26.29 -0.88 -4.34
N TYR A 404 -25.23 -1.67 -4.57
CA TYR A 404 -25.36 -3.12 -4.68
C TYR A 404 -25.43 -3.76 -3.30
N THR A 405 -26.36 -4.69 -3.14
CA THR A 405 -26.34 -5.54 -1.96
C THR A 405 -25.17 -6.52 -2.05
N ASP A 406 -24.81 -7.12 -0.91
CA ASP A 406 -23.66 -8.02 -0.88
C ASP A 406 -23.94 -9.28 -1.69
N ASN A 407 -25.14 -9.84 -1.59
CA ASN A 407 -25.56 -10.96 -2.41
C ASN A 407 -27.08 -10.88 -2.57
N GLU A 408 -27.70 -11.99 -2.98
CA GLU A 408 -29.12 -12.00 -3.26
C GLU A 408 -30.00 -12.07 -2.01
N THR A 409 -29.42 -12.41 -0.85
CA THR A 409 -30.21 -12.70 0.34
C THR A 409 -29.83 -11.81 1.52
N THR A 410 -29.44 -10.56 1.26
CA THR A 410 -29.05 -9.65 2.32
C THR A 410 -29.40 -8.23 1.91
N THR A 411 -29.52 -7.36 2.93
CA THR A 411 -29.71 -5.94 2.75
C THR A 411 -28.43 -5.15 2.99
N LEU A 412 -27.32 -5.83 3.27
CA LEU A 412 -26.05 -5.15 3.50
C LEU A 412 -25.48 -4.67 2.18
N HIS A 413 -25.01 -3.43 2.16
CA HIS A 413 -24.35 -2.86 0.99
C HIS A 413 -22.87 -2.71 1.28
N PRO A 414 -22.01 -3.54 0.71
CA PRO A 414 -20.58 -3.48 1.06
C PRO A 414 -19.88 -2.35 0.33
N GLN A 415 -18.92 -1.73 1.04
CA GLN A 415 -18.11 -0.68 0.43
C GLN A 415 -17.20 -1.26 -0.66
N ASP A 416 -16.58 -2.43 -0.41
CA ASP A 416 -15.66 -3.00 -1.38
C ASP A 416 -16.40 -3.35 -2.67
N GLY A 417 -17.56 -4.02 -2.56
CA GLY A 417 -18.27 -4.45 -3.75
C GLY A 417 -18.70 -3.30 -4.63
N ASN A 418 -19.27 -2.25 -4.02
CA ASN A 418 -19.74 -1.11 -4.80
C ASN A 418 -18.57 -0.34 -5.41
N SER A 419 -17.50 -0.14 -4.64
CA SER A 419 -16.31 0.53 -5.18
C SER A 419 -15.75 -0.23 -6.36
N TRP A 420 -15.59 -1.56 -6.22
CA TRP A 420 -15.03 -2.35 -7.30
C TRP A 420 -15.95 -2.38 -8.51
N ALA A 421 -17.28 -2.39 -8.28
CA ALA A 421 -18.21 -2.42 -9.40
C ALA A 421 -18.11 -1.15 -10.22
N VAL A 422 -17.88 -0.02 -9.56
CA VAL A 422 -17.63 1.20 -10.32
C VAL A 422 -16.27 1.12 -11.01
N LYS A 423 -15.24 0.65 -10.31
CA LYS A 423 -13.89 0.60 -10.88
C LYS A 423 -13.80 -0.39 -12.03
N ALA A 424 -14.62 -1.44 -12.00
CA ALA A 424 -14.64 -2.45 -13.05
C ALA A 424 -15.65 -2.16 -14.15
N ASN A 425 -16.36 -1.03 -14.09
CA ASN A 425 -17.40 -0.67 -15.06
C ASN A 425 -18.53 -1.71 -15.09
N LEU A 426 -18.95 -2.16 -13.91
CA LEU A 426 -20.07 -3.08 -13.82
C LEU A 426 -21.41 -2.37 -13.96
N THR A 427 -21.43 -1.06 -13.80
CA THR A 427 -22.64 -0.27 -13.90
C THR A 427 -23.06 -0.08 -15.36
N LEU A 428 -24.38 0.00 -15.58
CA LEU A 428 -24.90 0.18 -16.94
C LEU A 428 -24.82 1.62 -17.43
N SER A 429 -24.56 2.57 -16.55
CA SER A 429 -24.55 3.96 -16.98
C SER A 429 -23.62 4.75 -16.06
N ALA A 430 -23.13 5.87 -16.58
CA ALA A 430 -22.41 6.81 -15.74
C ALA A 430 -23.32 7.34 -14.63
N ASN A 431 -24.61 7.51 -14.93
CA ASN A 431 -25.55 7.99 -13.92
C ASN A 431 -25.58 7.03 -12.72
N GLN A 432 -25.58 5.72 -13.00
CA GLN A 432 -25.51 4.74 -11.92
C GLN A 432 -24.24 4.92 -11.09
N SER A 433 -23.09 4.96 -11.75
CA SER A 433 -21.82 5.15 -11.04
C SER A 433 -21.87 6.39 -10.15
N ALA A 434 -22.49 7.47 -10.63
CA ALA A 434 -22.61 8.68 -9.82
C ALA A 434 -23.50 8.44 -8.61
N ILE A 435 -24.56 7.63 -8.77
CA ILE A 435 -25.40 7.27 -7.64
C ILE A 435 -24.59 6.51 -6.60
N ILE A 436 -23.81 5.52 -7.04
CA ILE A 436 -22.99 4.76 -6.09
C ILE A 436 -22.03 5.68 -5.36
N SER A 437 -21.38 6.59 -6.09
CA SER A 437 -20.41 7.50 -5.48
C SER A 437 -21.08 8.38 -4.43
N GLU A 438 -22.22 8.96 -4.80
CA GLU A 438 -22.99 9.79 -3.87
C GLU A 438 -23.41 9.00 -2.62
N SER A 439 -23.87 7.75 -2.81
CA SER A 439 -24.38 6.97 -1.69
C SER A 439 -23.25 6.49 -0.78
N LEU A 440 -22.08 6.19 -1.36
CA LEU A 440 -20.93 5.86 -0.53
C LEU A 440 -20.49 7.06 0.29
N ALA A 441 -20.43 8.24 -0.33
CA ALA A 441 -20.03 9.44 0.41
C ALA A 441 -21.04 9.78 1.51
N ALA A 442 -22.33 9.49 1.28
CA ALA A 442 -23.37 9.68 2.28
C ALA A 442 -23.12 8.91 3.60
N ARG A 443 -22.19 7.95 3.60
CA ARG A 443 -21.95 7.10 4.76
C ARG A 443 -20.73 7.51 5.58
N TRP A 444 -20.03 8.57 5.18
CA TRP A 444 -18.79 8.94 5.83
C TRP A 444 -19.01 9.34 7.29
N GLY A 445 -18.09 8.90 8.15
CA GLY A 445 -18.12 9.25 9.54
C GLY A 445 -17.00 10.23 9.88
N PRO A 446 -16.89 10.58 11.17
CA PRO A 446 -15.88 11.58 11.57
C PRO A 446 -14.45 11.14 11.31
N TYR A 447 -14.21 9.89 10.91
CA TYR A 447 -12.87 9.37 10.75
C TYR A 447 -12.67 8.67 9.42
N GLY A 448 -13.54 8.94 8.44
CA GLY A 448 -13.34 8.41 7.11
C GLY A 448 -14.53 7.60 6.63
N ALA A 449 -14.30 6.81 5.53
CA ALA A 449 -15.33 6.00 4.89
C ALA A 449 -15.41 4.63 5.55
N PRO A 450 -16.61 4.13 5.85
CA PRO A 450 -16.74 2.86 6.54
C PRO A 450 -16.85 1.68 5.59
N ALA A 451 -16.44 0.52 6.11
CA ALA A 451 -16.59 -0.78 5.45
C ALA A 451 -17.50 -1.62 6.34
N PRO A 452 -18.82 -1.54 6.15
CA PRO A 452 -19.73 -2.28 7.04
C PRO A 452 -19.60 -3.79 6.92
N GLU A 453 -19.09 -4.30 5.79
CA GLU A 453 -18.88 -5.74 5.64
C GLU A 453 -17.84 -6.28 6.60
N ALA A 454 -17.01 -5.41 7.19
CA ALA A 454 -16.04 -5.79 8.21
C ALA A 454 -16.34 -5.11 9.55
N GLY A 455 -17.62 -4.83 9.82
CA GLY A 455 -18.00 -4.28 11.12
C GLY A 455 -17.77 -2.78 11.18
N ALA A 456 -17.46 -2.30 12.39
CA ALA A 456 -17.24 -0.87 12.61
C ALA A 456 -15.79 -0.51 12.27
N THR A 457 -15.44 -0.74 11.01
CA THR A 457 -14.06 -0.71 10.56
C THR A 457 -13.89 0.31 9.46
N VAL A 458 -12.78 1.04 9.48
CA VAL A 458 -12.34 1.85 8.36
C VAL A 458 -11.19 1.12 7.68
N SER A 459 -11.30 0.91 6.38
CA SER A 459 -10.24 0.24 5.64
C SER A 459 -9.63 1.19 4.63
N PRO A 460 -8.39 1.66 4.84
CA PRO A 460 -7.73 2.46 3.80
C PRO A 460 -7.55 1.69 2.50
N PHE A 461 -7.45 0.36 2.58
CA PHE A 461 -7.43 -0.49 1.39
C PHE A 461 -8.66 -0.24 0.52
N ILE A 462 -9.84 -0.46 1.10
CA ILE A 462 -11.06 -0.20 0.35
C ILE A 462 -11.22 1.30 0.07
N GLY A 463 -10.64 2.14 0.94
CA GLY A 463 -10.65 3.58 0.68
C GLY A 463 -9.97 3.94 -0.62
N GLY A 464 -8.92 3.20 -1.00
CA GLY A 464 -8.27 3.45 -2.29
C GLY A 464 -9.17 3.13 -3.48
N PHE A 465 -9.90 2.02 -3.40
CA PHE A 465 -10.82 1.69 -4.48
C PHE A 465 -12.00 2.66 -4.51
N GLU A 466 -12.44 3.13 -3.34
CA GLU A 466 -13.49 4.14 -3.31
C GLU A 466 -13.02 5.46 -3.91
N LEU A 467 -11.77 5.85 -3.62
CA LEU A 467 -11.19 7.03 -4.27
C LEU A 467 -11.27 6.90 -5.79
N GLN A 468 -10.79 5.77 -6.32
CA GLN A 468 -10.84 5.55 -7.75
C GLN A 468 -12.28 5.62 -8.28
N ALA A 469 -13.23 5.05 -7.52
CA ALA A 469 -14.62 5.10 -7.95
C ALA A 469 -15.14 6.54 -8.00
N HIS A 470 -14.80 7.35 -7.00
CA HIS A 470 -15.24 8.76 -7.02
C HIS A 470 -14.66 9.48 -8.23
N TYR A 471 -13.41 9.18 -8.57
CA TYR A 471 -12.79 9.81 -9.73
C TYR A 471 -13.48 9.40 -11.03
N GLN A 472 -13.66 8.09 -11.23
CA GLN A 472 -14.26 7.60 -12.47
C GLN A 472 -15.73 7.98 -12.59
N ALA A 473 -16.38 8.32 -11.48
CA ALA A 473 -17.75 8.82 -11.51
C ALA A 473 -17.80 10.34 -11.70
N GLY A 474 -16.69 10.96 -12.06
CA GLY A 474 -16.66 12.38 -12.33
C GLY A 474 -16.71 13.29 -11.12
N GLN A 475 -16.19 12.85 -9.99
CA GLN A 475 -16.29 13.59 -8.73
C GLN A 475 -14.91 13.73 -8.09
N PRO A 476 -14.02 14.53 -8.68
CA PRO A 476 -12.67 14.65 -8.10
C PRO A 476 -12.65 15.32 -6.72
N ASP A 477 -13.53 16.27 -6.48
CA ASP A 477 -13.52 16.97 -5.19
C ASP A 477 -14.09 16.12 -4.06
N ARG A 478 -15.06 15.25 -4.38
CA ARG A 478 -15.47 14.24 -3.43
C ARG A 478 -14.29 13.36 -3.03
N ALA A 479 -13.47 12.95 -4.00
CA ALA A 479 -12.30 12.13 -3.72
C ALA A 479 -11.29 12.89 -2.87
N LEU A 480 -11.01 14.16 -3.22
CA LEU A 480 -10.11 14.95 -2.41
C LEU A 480 -10.63 15.13 -0.99
N ASP A 481 -11.95 15.27 -0.83
CA ASP A 481 -12.54 15.35 0.51
C ASP A 481 -12.31 14.06 1.29
N LEU A 482 -12.51 12.90 0.65
CA LEU A 482 -12.23 11.65 1.35
C LEU A 482 -10.75 11.54 1.70
N LEU A 483 -9.88 12.00 0.81
CA LEU A 483 -8.46 12.07 1.08
C LEU A 483 -8.20 12.85 2.36
N ARG A 484 -8.67 14.10 2.40
CA ARG A 484 -8.47 14.96 3.56
C ARG A 484 -9.00 14.29 4.82
N LEU A 485 -10.28 13.92 4.83
CA LEU A 485 -10.90 13.32 6.01
C LEU A 485 -10.13 12.10 6.49
N GLN A 486 -9.98 11.08 5.63
CA GLN A 486 -9.47 9.80 6.08
C GLN A 486 -7.95 9.80 6.23
N TRP A 487 -7.24 10.22 5.18
CA TRP A 487 -5.78 10.12 5.20
C TRP A 487 -5.13 11.25 6.00
N GLY A 488 -5.76 12.43 6.15
CA GLY A 488 -5.22 13.40 7.08
C GLY A 488 -5.32 12.93 8.52
N PHE A 489 -6.38 12.17 8.84
CA PHE A 489 -6.43 11.52 10.15
C PHE A 489 -5.32 10.49 10.27
N MET A 490 -5.16 9.64 9.24
CA MET A 490 -4.13 8.61 9.27
C MET A 490 -2.73 9.20 9.38
N LEU A 491 -2.52 10.40 8.84
CA LEU A 491 -1.19 11.01 8.85
C LEU A 491 -0.94 11.90 10.07
N ASP A 492 -1.97 12.56 10.60
CA ASP A 492 -1.78 13.62 11.58
C ASP A 492 -2.29 13.28 12.97
N ASP A 493 -2.95 12.15 13.13
CA ASP A 493 -3.36 11.75 14.47
C ASP A 493 -2.12 11.49 15.33
N PRO A 494 -2.06 11.99 16.56
CA PRO A 494 -0.84 11.85 17.36
C PRO A 494 -0.45 10.41 17.65
N ARG A 495 -1.38 9.46 17.56
CA ARG A 495 -1.02 8.05 17.72
C ARG A 495 -0.38 7.46 16.48
N MET A 496 -0.49 8.11 15.32
CA MET A 496 0.07 7.55 14.10
C MET A 496 1.57 7.80 14.05
N THR A 497 2.16 7.54 12.90
CA THR A 497 3.60 7.63 12.73
C THR A 497 4.04 8.87 12.00
N ASN A 498 3.12 9.57 11.33
CA ASN A 498 3.39 10.82 10.64
C ASN A 498 4.20 10.59 9.36
N SER A 499 4.45 9.35 9.01
CA SER A 499 5.24 8.98 7.84
C SER A 499 4.63 7.83 7.06
N THR A 500 4.08 6.82 7.74
CA THR A 500 3.53 5.64 7.11
C THR A 500 2.03 5.53 7.42
N PHE A 501 1.35 4.63 6.70
CA PHE A 501 -0.11 4.54 6.75
C PHE A 501 -0.57 3.27 7.42
N ILE A 502 -1.67 3.37 8.18
CA ILE A 502 -2.12 2.28 9.04
C ILE A 502 -2.83 1.22 8.21
N GLU A 503 -2.83 -0.01 8.73
CA GLU A 503 -3.51 -1.12 8.07
C GLU A 503 -5.02 -0.92 8.12
N GLY A 504 -5.54 -0.44 9.24
CA GLY A 504 -6.96 -0.21 9.40
C GLY A 504 -7.23 0.18 10.83
N TYR A 505 -8.41 0.72 11.06
CA TYR A 505 -8.83 1.14 12.40
C TYR A 505 -10.36 1.11 12.46
N SER A 506 -10.92 1.77 13.46
CA SER A 506 -12.34 1.70 13.79
C SER A 506 -13.05 3.01 13.46
N THR A 507 -14.38 2.92 13.30
CA THR A 507 -15.19 4.07 12.93
C THR A 507 -15.27 5.11 14.03
N ASP A 508 -15.09 4.72 15.28
CA ASP A 508 -15.11 5.66 16.40
C ASP A 508 -13.79 6.41 16.56
N GLY A 509 -12.83 6.20 15.65
CA GLY A 509 -11.55 6.86 15.74
C GLY A 509 -10.53 6.15 16.60
N SER A 510 -10.87 4.97 17.14
CA SER A 510 -9.89 4.18 17.86
C SER A 510 -9.08 3.32 16.88
N LEU A 511 -7.90 2.90 17.34
CA LEU A 511 -7.05 2.05 16.51
C LEU A 511 -7.31 0.56 16.74
N VAL A 512 -8.58 0.21 16.92
CA VAL A 512 -9.00 -1.19 17.00
C VAL A 512 -9.29 -1.69 15.60
N TYR A 513 -8.61 -2.76 15.20
CA TYR A 513 -8.92 -3.48 13.98
C TYR A 513 -9.68 -4.73 14.38
N ALA A 514 -10.93 -4.84 13.92
CA ALA A 514 -11.81 -5.92 14.38
C ALA A 514 -11.24 -7.32 14.22
N PRO A 515 -10.62 -7.72 13.11
CA PRO A 515 -10.10 -9.09 13.01
C PRO A 515 -9.05 -9.42 14.05
N TYR A 516 -8.36 -8.42 14.61
CA TYR A 516 -7.31 -8.64 15.59
C TYR A 516 -7.82 -8.31 16.98
N THR A 517 -7.39 -9.09 17.98
CA THR A 517 -7.64 -8.82 19.38
C THR A 517 -6.47 -8.12 20.06
N ASN A 518 -5.24 -8.48 19.67
CA ASN A 518 -4.03 -7.81 20.13
C ASN A 518 -3.88 -6.52 19.34
N ARG A 519 -4.44 -5.43 19.90
CA ARG A 519 -4.40 -4.12 19.24
C ARG A 519 -2.98 -3.63 18.96
N PRO A 520 -1.97 -3.92 19.80
CA PRO A 520 -0.60 -3.53 19.43
C PRO A 520 -0.05 -4.22 18.18
N ARG A 521 -0.80 -5.17 17.60
CA ARG A 521 -0.35 -5.87 16.41
C ARG A 521 -0.76 -5.20 15.11
N VAL A 522 -1.68 -4.23 15.16
CA VAL A 522 -2.01 -3.48 13.96
C VAL A 522 -0.76 -2.80 13.43
N SER A 523 -0.53 -2.93 12.12
CA SER A 523 0.67 -2.38 11.52
C SER A 523 0.42 -0.96 11.04
N HIS A 524 1.40 -0.09 11.27
CA HIS A 524 1.28 1.30 10.90
C HIS A 524 1.98 1.62 9.58
N ALA A 525 2.38 0.59 8.83
CA ALA A 525 3.02 0.76 7.52
C ALA A 525 2.58 -0.40 6.62
N HIS A 526 1.41 -0.23 6.00
CA HIS A 526 0.86 -1.21 5.05
C HIS A 526 0.77 -0.58 3.67
N GLY A 527 1.36 -1.26 2.68
CA GLY A 527 1.34 -0.73 1.34
C GLY A 527 -0.04 -0.66 0.73
N TRP A 528 -0.93 -1.57 1.13
CA TRP A 528 -2.28 -1.58 0.58
C TRP A 528 -3.11 -0.36 1.00
N SER A 529 -2.55 0.53 1.83
CA SER A 529 -3.18 1.77 2.23
C SER A 529 -2.63 2.98 1.48
N THR A 530 -1.89 2.76 0.39
CA THR A 530 -1.21 3.84 -0.33
C THR A 530 -1.93 4.23 -1.61
N GLY A 531 -3.24 3.96 -1.70
CA GLY A 531 -4.01 4.36 -2.85
C GLY A 531 -3.87 5.81 -3.29
N PRO A 532 -3.80 6.76 -2.35
CA PRO A 532 -3.70 8.18 -2.76
C PRO A 532 -2.52 8.49 -3.68
N THR A 533 -1.40 7.78 -3.58
CA THR A 533 -0.25 8.10 -4.42
C THR A 533 -0.60 7.90 -5.90
N SER A 534 -0.97 6.67 -6.25
CA SER A 534 -1.41 6.39 -7.60
C SER A 534 -2.64 7.22 -7.99
N ALA A 535 -3.56 7.45 -7.05
CA ALA A 535 -4.77 8.18 -7.41
C ALA A 535 -4.47 9.64 -7.75
N LEU A 536 -3.57 10.28 -7.00
CA LEU A 536 -3.25 11.68 -7.22
C LEU A 536 -2.42 11.86 -8.47
N THR A 537 -1.53 10.90 -8.77
CA THR A 537 -0.78 10.98 -10.03
C THR A 537 -1.67 10.68 -11.22
N ILE A 538 -2.53 9.65 -11.12
CA ILE A 538 -3.23 9.12 -12.29
C ILE A 538 -4.46 9.95 -12.61
N TYR A 539 -5.25 10.30 -11.59
CA TYR A 539 -6.54 10.94 -11.79
C TYR A 539 -6.48 12.46 -11.61
N THR A 540 -5.88 12.94 -10.53
CA THR A 540 -5.78 14.39 -10.34
C THR A 540 -4.86 15.01 -11.38
N ALA A 541 -3.65 14.46 -11.53
CA ALA A 541 -2.72 14.95 -12.54
C ALA A 541 -3.06 14.44 -13.94
N GLY A 542 -3.77 13.32 -14.05
CA GLY A 542 -4.30 12.88 -15.33
C GLY A 542 -3.40 12.00 -16.18
N LEU A 543 -2.36 11.41 -15.60
CA LEU A 543 -1.39 10.61 -16.36
C LEU A 543 -1.79 9.14 -16.28
N ARG A 544 -2.50 8.63 -17.29
CA ARG A 544 -3.08 7.29 -17.26
C ARG A 544 -2.37 6.41 -18.29
N VAL A 545 -1.60 5.44 -17.82
CA VAL A 545 -1.00 4.47 -18.73
C VAL A 545 -2.10 3.54 -19.21
N THR A 546 -2.29 3.47 -20.54
CA THR A 546 -3.29 2.61 -21.15
C THR A 546 -2.70 1.57 -22.10
N GLY A 547 -1.38 1.51 -22.22
CA GLY A 547 -0.71 0.49 -23.00
C GLY A 547 0.58 0.10 -22.33
N PRO A 548 1.17 -1.05 -22.75
CA PRO A 548 2.35 -1.57 -22.05
C PRO A 548 3.49 -0.54 -21.96
N ALA A 549 3.89 -0.23 -20.73
CA ALA A 549 4.91 0.76 -20.41
C ALA A 549 4.52 2.16 -20.87
N GLY A 550 3.24 2.39 -21.14
CA GLY A 550 2.83 3.67 -21.66
C GLY A 550 2.94 3.79 -23.16
N ALA A 551 3.03 2.66 -23.86
CA ALA A 551 3.02 2.69 -25.32
C ALA A 551 1.82 3.46 -25.83
N THR A 552 0.67 3.30 -25.17
CA THR A 552 -0.48 4.17 -25.35
C THR A 552 -0.86 4.76 -24.00
N TRP A 553 -1.44 5.95 -24.03
CA TRP A 553 -1.74 6.66 -22.78
C TRP A 553 -2.98 7.51 -22.98
N LEU A 554 -3.55 7.91 -21.85
CA LEU A 554 -4.66 8.86 -21.82
C LEU A 554 -4.30 9.97 -20.84
N TYR A 555 -4.51 11.21 -21.26
CA TYR A 555 -4.27 12.38 -20.41
C TYR A 555 -5.62 12.98 -20.02
N LYS A 556 -6.09 12.65 -18.82
CA LYS A 556 -7.40 13.07 -18.34
C LYS A 556 -7.26 13.64 -16.93
N PRO A 557 -6.74 14.87 -16.82
CA PRO A 557 -6.65 15.51 -15.50
C PRO A 557 -8.04 15.83 -14.96
N GLN A 558 -8.30 15.39 -13.73
CA GLN A 558 -9.54 15.70 -13.04
C GLN A 558 -9.18 16.59 -11.85
N PRO A 559 -8.92 17.88 -12.09
CA PRO A 559 -8.30 18.71 -11.04
C PRO A 559 -9.21 19.02 -9.88
N GLY A 560 -10.51 19.14 -10.10
CA GLY A 560 -11.36 19.63 -9.04
C GLY A 560 -11.10 21.10 -8.79
N ASN A 561 -10.92 21.46 -7.52
CA ASN A 561 -10.70 22.84 -7.14
C ASN A 561 -9.26 23.11 -6.73
N LEU A 562 -8.35 22.22 -7.07
CA LEU A 562 -6.93 22.50 -6.90
C LEU A 562 -6.49 23.54 -7.92
N THR A 563 -5.68 24.49 -7.47
CA THR A 563 -5.26 25.58 -8.34
C THR A 563 -3.91 25.31 -9.02
N GLN A 564 -3.14 24.33 -8.53
CA GLN A 564 -1.86 24.02 -9.14
C GLN A 564 -1.56 22.54 -8.92
N VAL A 565 -1.21 21.85 -10.00
CA VAL A 565 -0.85 20.44 -9.91
C VAL A 565 0.38 20.18 -10.76
N GLU A 566 1.36 19.46 -10.22
CA GLU A 566 2.50 18.96 -10.96
C GLU A 566 2.73 17.52 -10.55
N ALA A 567 2.91 16.62 -11.51
CA ALA A 567 3.21 15.24 -11.17
C ALA A 567 3.96 14.59 -12.31
N GLY A 568 4.61 13.48 -12.01
CA GLY A 568 5.39 12.83 -13.03
C GLY A 568 5.95 11.51 -12.56
N PHE A 569 6.24 10.65 -13.52
CA PHE A 569 6.92 9.39 -13.25
C PHE A 569 7.61 8.96 -14.54
N SER A 570 8.18 7.76 -14.53
CA SER A 570 8.84 7.27 -15.72
C SER A 570 8.54 5.79 -15.90
N THR A 571 8.69 5.35 -17.12
CA THR A 571 8.73 3.94 -17.48
C THR A 571 9.98 3.72 -18.33
N ARG A 572 10.22 2.46 -18.69
CA ARG A 572 11.35 2.18 -19.57
C ARG A 572 11.23 2.88 -20.91
N LEU A 573 10.05 3.44 -21.24
CA LEU A 573 9.86 4.17 -22.48
C LEU A 573 10.23 5.64 -22.35
N GLY A 574 10.27 6.18 -21.14
CA GLY A 574 10.65 7.55 -20.94
C GLY A 574 9.82 8.18 -19.84
N SER A 575 9.68 9.50 -19.92
CA SER A 575 9.10 10.32 -18.86
C SER A 575 7.65 10.69 -19.16
N PHE A 576 6.78 10.51 -18.17
CA PHE A 576 5.47 11.12 -18.17
C PHE A 576 5.48 12.27 -17.16
N ALA A 577 4.86 13.40 -17.54
CA ALA A 577 4.77 14.55 -16.65
C ALA A 577 3.52 15.33 -16.99
N SER A 578 2.91 15.93 -15.97
CA SER A 578 1.73 16.77 -16.12
C SER A 578 1.89 17.99 -15.23
N SER A 579 1.52 19.16 -15.77
CA SER A 579 1.71 20.40 -15.03
C SER A 579 0.65 21.41 -15.45
N PHE A 580 -0.21 21.80 -14.52
CA PHE A 580 -1.21 22.81 -14.87
C PHE A 580 -1.51 23.71 -13.68
N SER A 581 -2.03 24.89 -14.01
CA SER A 581 -2.50 25.86 -13.05
C SER A 581 -3.87 26.37 -13.49
N ARG A 582 -4.81 26.42 -12.54
CA ARG A 582 -6.19 26.83 -12.78
C ARG A 582 -6.58 28.01 -11.88
N SER A 583 -7.70 28.64 -12.25
CA SER A 583 -8.28 29.71 -11.46
C SER A 583 -9.71 29.93 -11.93
N GLY A 584 -10.66 29.87 -11.01
CA GLY A 584 -12.05 30.09 -11.36
C GLY A 584 -12.64 29.02 -12.26
N GLY A 585 -12.19 27.77 -12.11
CA GLY A 585 -12.71 26.70 -12.93
C GLY A 585 -12.23 26.69 -14.36
N ARG A 586 -11.13 27.38 -14.67
CA ARG A 586 -10.55 27.38 -16.00
C ARG A 586 -9.04 27.26 -15.89
N TYR A 587 -8.45 26.55 -16.87
CA TYR A 587 -7.00 26.38 -16.92
C TYR A 587 -6.32 27.69 -17.31
N GLN A 588 -5.42 28.18 -16.45
CA GLN A 588 -4.52 29.25 -16.86
C GLN A 588 -3.35 28.71 -17.66
N GLU A 589 -2.81 27.56 -17.26
CA GLU A 589 -1.74 26.93 -18.02
C GLU A 589 -1.86 25.42 -17.90
N LEU A 590 -1.51 24.73 -18.97
CA LEU A 590 -1.55 23.27 -18.98
C LEU A 590 -0.51 22.76 -19.96
N SER A 591 0.35 21.86 -19.48
CA SER A 591 1.33 21.21 -20.33
C SER A 591 1.53 19.79 -19.81
N PHE A 592 2.03 18.92 -20.70
CA PHE A 592 2.31 17.55 -20.32
C PHE A 592 3.34 16.94 -21.27
N THR A 593 4.14 16.03 -20.72
CA THR A 593 5.17 15.31 -21.45
C THR A 593 4.85 13.83 -21.45
N THR A 594 4.94 13.21 -22.63
CA THR A 594 4.82 11.77 -22.83
C THR A 594 6.03 11.28 -23.60
N PRO A 595 6.41 10.02 -23.44
CA PRO A 595 7.62 9.51 -24.10
C PRO A 595 7.47 9.43 -25.60
N ASN A 596 8.61 9.51 -26.29
CA ASN A 596 8.65 9.42 -27.74
C ASN A 596 8.22 8.04 -28.23
N GLY A 597 7.67 8.01 -29.44
CA GLY A 597 7.17 6.78 -30.03
C GLY A 597 5.81 6.36 -29.53
N THR A 598 5.29 6.99 -28.49
CA THR A 598 3.98 6.63 -27.97
C THR A 598 2.90 7.48 -28.64
N THR A 599 1.67 6.97 -28.60
CA THR A 599 0.50 7.70 -29.06
C THR A 599 -0.55 7.65 -27.96
N GLY A 600 -1.31 8.74 -27.82
CA GLY A 600 -2.30 8.80 -26.77
C GLY A 600 -3.48 9.66 -27.13
N SER A 601 -4.41 9.75 -26.19
CA SER A 601 -5.57 10.61 -26.30
C SER A 601 -5.58 11.60 -25.15
N VAL A 602 -6.38 12.65 -25.32
CA VAL A 602 -6.51 13.72 -24.34
C VAL A 602 -7.99 13.88 -24.02
N GLU A 603 -8.29 14.16 -22.74
CA GLU A 603 -9.67 14.39 -22.30
C GLU A 603 -9.61 15.40 -21.15
N LEU A 604 -9.80 16.68 -21.48
CA LEU A 604 -9.73 17.75 -20.49
C LEU A 604 -11.08 18.15 -19.93
N GLY A 605 -12.18 17.70 -20.54
CA GLY A 605 -13.50 18.12 -20.10
C GLY A 605 -13.96 19.33 -20.88
N ASP A 606 -14.63 20.26 -20.20
CA ASP A 606 -15.15 21.48 -20.84
C ASP A 606 -13.99 22.47 -21.05
N VAL A 607 -13.16 22.16 -22.04
CA VAL A 607 -12.04 23.01 -22.41
C VAL A 607 -11.97 23.08 -23.92
N SER A 608 -11.92 24.30 -24.45
CA SER A 608 -11.83 24.53 -25.89
C SER A 608 -10.53 25.26 -26.19
N GLY A 609 -9.90 24.90 -27.30
CA GLY A 609 -8.68 25.54 -27.71
C GLY A 609 -7.79 24.57 -28.47
N GLN A 610 -6.52 24.94 -28.54
CA GLN A 610 -5.53 24.20 -29.31
C GLN A 610 -4.47 23.59 -28.40
N LEU A 611 -4.06 22.38 -28.74
CA LEU A 611 -2.86 21.77 -28.18
C LEU A 611 -1.73 21.92 -29.18
N VAL A 612 -0.62 22.50 -28.73
CA VAL A 612 0.54 22.81 -29.55
C VAL A 612 1.69 21.92 -29.10
N SER A 613 2.29 21.21 -30.04
CA SER A 613 3.44 20.35 -29.80
C SER A 613 4.72 21.17 -29.85
N GLU A 614 5.81 20.55 -29.39
CA GLU A 614 7.11 21.21 -29.40
C GLU A 614 7.52 21.57 -30.82
N GLY A 615 7.33 20.64 -31.77
CA GLY A 615 7.66 20.93 -33.15
C GLY A 615 6.82 22.06 -33.74
N GLY A 616 5.57 22.17 -33.31
CA GLY A 616 4.68 23.20 -33.80
C GLY A 616 3.34 22.69 -34.28
N VAL A 617 3.14 21.38 -34.15
CA VAL A 617 1.88 20.78 -34.60
C VAL A 617 0.74 21.29 -33.73
N LYS A 618 -0.35 21.71 -34.38
CA LYS A 618 -1.53 22.22 -33.68
C LYS A 618 -2.69 21.24 -33.87
N VAL A 619 -3.40 20.96 -32.77
CA VAL A 619 -4.56 20.07 -32.77
C VAL A 619 -5.70 20.78 -32.06
N GLN A 620 -6.89 20.78 -32.68
CA GLN A 620 -8.06 21.38 -32.06
C GLN A 620 -8.77 20.38 -31.15
N LEU A 621 -9.20 20.85 -30.00
CA LEU A 621 -9.95 20.02 -29.07
C LEU A 621 -11.43 20.00 -29.47
N VAL A 622 -11.97 18.81 -29.69
CA VAL A 622 -13.40 18.62 -29.98
C VAL A 622 -14.04 17.99 -28.76
N GLY A 623 -14.89 18.76 -28.08
CA GLY A 623 -15.47 18.30 -26.83
C GLY A 623 -14.43 18.02 -25.77
N GLY A 624 -13.37 18.82 -25.73
CA GLY A 624 -12.28 18.61 -24.79
C GLY A 624 -11.43 17.39 -25.06
N LYS A 625 -11.66 16.67 -26.15
CA LYS A 625 -10.93 15.45 -26.47
C LYS A 625 -10.12 15.63 -27.74
N ALA A 626 -9.09 14.79 -27.86
CA ALA A 626 -8.27 14.66 -29.05
C ALA A 626 -7.57 13.31 -28.98
N SER A 627 -7.32 12.72 -30.15
CA SER A 627 -6.74 11.38 -30.20
C SER A 627 -5.64 11.33 -31.23
N GLY A 628 -4.88 10.22 -31.21
CA GLY A 628 -3.77 10.08 -32.12
C GLY A 628 -2.64 11.05 -31.89
N LEU A 629 -2.55 11.62 -30.70
CA LEU A 629 -1.47 12.56 -30.41
C LEU A 629 -0.14 11.82 -30.30
N GLN A 630 0.87 12.29 -31.02
CA GLN A 630 2.18 11.66 -31.00
C GLN A 630 2.96 12.10 -29.77
N GLY A 631 3.79 11.17 -29.27
CA GLY A 631 4.48 11.42 -28.01
C GLY A 631 5.37 12.63 -28.06
N GLY A 632 5.57 13.25 -26.91
CA GLY A 632 6.40 14.43 -26.79
C GLY A 632 5.83 15.39 -25.78
N LYS A 633 6.24 16.65 -25.90
CA LYS A 633 5.80 17.73 -25.02
C LYS A 633 4.66 18.50 -25.69
N TRP A 634 3.61 18.79 -24.91
CA TRP A 634 2.41 19.44 -25.43
C TRP A 634 1.97 20.52 -24.45
N ARG A 635 1.44 21.63 -25.01
CA ARG A 635 0.89 22.71 -24.20
C ARG A 635 -0.47 23.12 -24.73
N LEU A 636 -1.29 23.66 -23.84
CA LEU A 636 -2.60 24.18 -24.24
C LEU A 636 -2.48 25.67 -24.55
N ASN A 637 -2.92 26.06 -25.74
CA ASN A 637 -2.96 27.47 -26.11
C ASN A 637 -4.38 28.03 -25.98
C1 NAG B . -24.69 -12.67 1.84
C2 NAG B . -24.03 -13.88 2.50
C3 NAG B . -24.28 -13.85 4.00
C4 NAG B . -23.83 -12.52 4.59
C5 NAG B . -24.48 -11.36 3.86
C6 NAG B . -23.97 -10.01 4.29
C7 NAG B . -23.82 -16.27 1.97
C8 NAG B . -24.49 -17.46 1.33
N2 NAG B . -24.52 -15.12 1.92
O3 NAG B . -23.60 -14.92 4.64
O4 NAG B . -24.18 -12.45 5.96
O5 NAG B . -24.21 -11.46 2.45
O6 NAG B . -22.55 -9.95 4.24
O7 NAG B . -22.73 -16.35 2.50
C1 NAG B . -22.94 -12.51 6.68
C2 NAG B . -23.19 -11.88 8.04
C3 NAG B . -21.93 -11.94 8.89
C4 NAG B . -21.45 -13.38 8.99
C5 NAG B . -21.26 -13.96 7.58
C6 NAG B . -20.85 -15.41 7.57
C7 NAG B . -24.25 -9.80 8.85
C8 NAG B . -24.65 -8.41 8.49
N2 NAG B . -23.64 -10.50 7.88
O3 NAG B . -22.20 -11.43 10.19
O4 NAG B . -20.22 -13.45 9.71
O5 NAG B . -22.49 -13.86 6.86
O6 NAG B . -20.48 -15.84 6.26
O7 NAG B . -24.44 -10.27 9.97
C1 BMA B . -20.48 -14.04 11.00
C2 BMA B . -19.30 -13.65 11.88
C3 BMA B . -19.52 -14.17 13.29
C4 BMA B . -20.91 -13.77 13.85
C5 BMA B . -22.04 -14.11 12.85
C6 BMA B . -23.38 -13.52 13.27
O2 BMA B . -19.18 -12.23 11.95
O3 BMA B . -18.48 -13.69 14.15
O4 BMA B . -21.16 -14.43 15.08
O5 BMA B . -21.71 -13.57 11.56
O6 BMA B . -24.43 -14.15 12.53
C1 MAN B . -17.73 -14.74 14.81
C2 MAN B . -16.46 -14.08 15.39
C3 MAN B . -15.49 -13.71 14.27
C4 MAN B . -15.13 -14.96 13.46
C5 MAN B . -16.40 -15.62 12.89
C6 MAN B . -16.13 -16.97 12.24
O2 MAN B . -15.74 -14.98 16.25
O3 MAN B . -14.33 -13.05 14.74
O4 MAN B . -14.28 -14.60 12.38
O5 MAN B . -17.40 -15.84 13.94
O6 MAN B . -17.39 -17.54 11.91
C1 NAG C . 4.95 15.41 11.30
C2 NAG C . 5.66 16.30 12.30
C3 NAG C . 5.40 17.75 11.94
C4 NAG C . 5.88 18.02 10.52
C5 NAG C . 5.23 17.02 9.54
C6 NAG C . 5.76 17.13 8.13
C7 NAG C . 5.89 15.15 14.47
C8 NAG C . 5.35 15.01 15.86
N2 NAG C . 5.26 16.03 13.68
O3 NAG C . 6.00 18.63 12.89
O4 NAG C . 5.50 19.35 10.17
O5 NAG C . 5.44 15.67 9.98
O6 NAG C . 7.11 16.68 8.03
O7 NAG C . 6.86 14.49 14.07
C1 NAG C . 6.53 20.27 9.67
C2 NAG C . 7.96 19.99 10.10
C3 NAG C . 8.84 21.11 9.59
C4 NAG C . 8.67 21.35 8.08
C5 NAG C . 7.23 21.19 7.54
C6 NAG C . 7.21 20.78 6.09
C7 NAG C . 8.79 18.81 12.09
C8 NAG C . 8.89 18.80 13.58
N2 NAG C . 8.12 19.84 11.54
O3 NAG C . 10.20 20.79 9.89
O4 NAG C . 8.98 22.70 7.79
O5 NAG C . 6.44 20.21 8.25
O6 NAG C . 5.90 20.51 5.60
O7 NAG C . 9.27 17.91 11.40
C1 BMA C . 10.36 23.09 7.98
C2 BMA C . 10.71 24.20 6.96
C3 BMA C . 12.15 24.70 7.20
C4 BMA C . 12.39 25.05 8.69
C5 BMA C . 11.97 23.86 9.58
C6 BMA C . 12.09 24.16 11.07
O2 BMA C . 9.86 25.32 7.13
O3 BMA C . 12.47 25.82 6.38
O4 BMA C . 13.76 25.35 8.89
O5 BMA C . 10.60 23.57 9.31
O6 BMA C . 13.45 24.47 11.36
C1 NAG D . 17.86 -7.64 33.30
C2 NAG D . 17.82 -8.68 34.44
C3 NAG D . 18.50 -9.97 34.00
C4 NAG D . 17.90 -10.48 32.70
C5 NAG D . 18.01 -9.39 31.64
C6 NAG D . 17.39 -9.78 30.32
C7 NAG D . 17.78 -7.40 36.54
C8 NAG D . 18.58 -6.98 37.75
N2 NAG D . 18.42 -8.17 35.66
O3 NAG D . 18.36 -10.95 35.04
O4 NAG D . 18.60 -11.63 32.22
O5 NAG D . 17.33 -8.21 32.09
O6 NAG D . 15.98 -9.95 30.45
O7 NAG D . 16.62 -7.06 36.38
C1 NAG D . 17.83 -12.85 32.41
C2 NAG D . 18.73 -14.01 31.93
C3 NAG D . 18.11 -15.37 32.29
C4 NAG D . 17.70 -15.41 33.74
C5 NAG D . 16.74 -14.26 34.00
C6 NAG D . 16.23 -14.21 35.42
C7 NAG D . 20.14 -13.55 29.97
C8 NAG D . 20.20 -13.49 28.47
N2 NAG D . 18.96 -13.92 30.50
O3 NAG D . 19.09 -16.38 32.04
O4 NAG D . 17.13 -16.64 34.16
O5 NAG D . 17.45 -13.04 33.77
O6 NAG D . 14.88 -13.74 35.46
O7 NAG D . 21.10 -13.28 30.67
C1 BMA D . 16.41 -17.37 33.14
C2 BMA D . 16.99 -18.80 33.15
C3 BMA D . 16.20 -19.68 32.19
C4 BMA D . 14.68 -19.57 32.42
C5 BMA D . 14.24 -18.10 32.40
C6 BMA D . 12.78 -17.92 32.74
O2 BMA D . 16.84 -19.38 34.45
O3 BMA D . 16.61 -21.05 32.30
O4 BMA D . 13.99 -20.28 31.39
O5 BMA D . 15.02 -17.38 33.38
O6 BMA D . 12.46 -16.53 32.67
C1 NAG E . -16.62 -20.37 -20.33
C2 NAG E . -15.90 -21.63 -19.85
C3 NAG E . -16.84 -22.50 -19.01
C4 NAG E . -17.64 -21.70 -17.99
C5 NAG E . -18.21 -20.42 -18.60
C6 NAG E . -18.86 -19.51 -17.59
C7 NAG E . -14.60 -23.44 -20.92
C8 NAG E . -14.22 -24.07 -22.22
N2 NAG E . -15.40 -22.38 -21.00
O3 NAG E . -16.06 -23.47 -18.32
O4 NAG E . -18.74 -22.50 -17.56
O5 NAG E . -17.16 -19.68 -19.23
O6 NAG E . -19.94 -18.78 -18.16
O7 NAG E . -14.21 -23.89 -19.85
C1 NAG E . -18.53 -23.18 -16.30
C2 NAG E . -19.86 -23.81 -15.90
C3 NAG E . -19.71 -24.49 -14.55
C4 NAG E . -18.57 -25.52 -14.60
C5 NAG E . -17.28 -24.89 -15.14
C6 NAG E . -16.20 -25.91 -15.42
C7 NAG E . -21.68 -22.56 -16.95
C8 NAG E . -22.75 -21.53 -16.76
N2 NAG E . -20.93 -22.84 -15.87
O3 NAG E . -20.93 -25.13 -14.17
O4 NAG E . -18.33 -26.03 -13.29
O5 NAG E . -17.52 -24.20 -16.37
O6 NAG E . -15.76 -26.55 -14.23
O7 NAG E . -21.51 -23.13 -18.02
C1 BMA E . -18.72 -27.43 -13.21
C2 BMA E . -18.00 -28.08 -12.00
C3 BMA E . -18.46 -29.53 -11.83
C4 BMA E . -20.00 -29.64 -11.83
C5 BMA E . -20.60 -28.95 -13.08
C6 BMA E . -22.13 -28.96 -13.09
O2 BMA E . -18.32 -27.39 -10.79
O3 BMA E . -17.92 -30.14 -10.65
O4 BMA E . -20.39 -31.00 -11.80
O5 BMA E . -20.15 -27.58 -13.10
O6 BMA E . -22.59 -28.49 -14.35
C1 NAG F . -18.90 0.63 -19.40
C2 NAG F . -18.22 0.83 -20.78
C3 NAG F . -19.16 1.53 -21.76
C4 NAG F . -20.55 0.90 -21.76
C5 NAG F . -21.06 0.81 -20.32
C6 NAG F . -22.43 0.17 -20.17
C7 NAG F . -15.77 1.09 -20.65
C8 NAG F . -14.64 2.05 -20.46
N2 NAG F . -17.00 1.61 -20.61
O3 NAG F . -18.61 1.45 -23.07
O4 NAG F . -21.42 1.64 -22.61
O5 NAG F . -20.15 0.00 -19.57
O6 NAG F . -22.62 -0.26 -18.83
O7 NAG F . -15.57 -0.11 -20.85
C1 NAG F . -22.27 0.72 -23.34
C2 NAG F . -23.51 1.46 -23.84
C3 NAG F . -24.45 0.49 -24.53
C4 NAG F . -23.72 -0.36 -25.58
C5 NAG F . -22.42 -0.94 -25.02
C6 NAG F . -21.56 -1.64 -26.06
C7 NAG F . -23.93 3.42 -22.40
C8 NAG F . -24.73 3.96 -21.25
N2 NAG F . -24.19 2.15 -22.75
O3 NAG F . -25.52 1.23 -25.13
O4 NAG F . -24.57 -1.44 -25.95
O5 NAG F . -21.61 0.09 -24.45
O6 NAG F . -20.42 -2.23 -25.47
O7 NAG F . -23.09 4.10 -22.97
C1 BMA F . -24.90 -1.55 -27.37
C2 BMA F . -25.88 -0.41 -27.82
C3 BMA F . -26.30 -0.68 -29.26
C4 BMA F . -25.05 -0.89 -30.18
C5 BMA F . -24.08 -1.95 -29.59
C6 BMA F . -22.80 -2.11 -30.39
O2 BMA F . -25.25 0.86 -27.85
O3 BMA F . -27.12 0.36 -29.75
O4 BMA F . -25.44 -1.30 -31.48
O5 BMA F . -23.75 -1.56 -28.25
O6 BMA F . -22.16 -3.32 -29.98
C1 NAG G . 8.97 5.77 32.43
C2 NAG G . 8.09 7.00 32.66
C3 NAG G . 6.65 6.70 32.25
C4 NAG G . 6.63 6.21 30.81
C5 NAG G . 7.58 5.03 30.62
C6 NAG G . 7.70 4.56 29.18
C7 NAG G . 8.47 8.69 34.40
C8 NAG G . 8.50 8.97 35.86
N2 NAG G . 8.14 7.44 34.05
O3 NAG G . 5.86 7.87 32.39
O4 NAG G . 5.30 5.90 30.36
O5 NAG G . 8.89 5.39 31.05
O6 NAG G . 8.46 3.36 29.09
O7 NAG G . 8.72 9.56 33.56
C1 NAG G . 4.62 4.79 30.98
C2 NAG G . 3.12 5.09 30.92
C3 NAG G . 2.31 3.89 31.44
C4 NAG G . 2.72 2.62 30.72
C5 NAG G . 4.22 2.41 30.87
C6 NAG G . 4.74 1.20 30.13
C7 NAG G . 2.54 7.47 31.09
C8 NAG G . 2.21 8.60 32.02
N2 NAG G . 2.78 6.29 31.67
O3 NAG G . 0.93 4.14 31.26
O4 NAG G . 2.00 1.50 31.23
O5 NAG G . 4.91 3.54 30.33
O6 NAG G . 6.11 0.96 30.42
O7 NAG G . 2.57 7.62 29.87
C1 BMA G . 1.19 0.92 30.18
C2 BMA G . 0.49 -0.33 30.75
C3 BMA G . -0.38 -0.98 29.66
C4 BMA G . -1.33 0.06 29.02
C5 BMA G . -0.55 1.32 28.55
C6 BMA G . -1.48 2.43 28.04
O2 BMA G . -0.38 0.02 31.82
O3 BMA G . -1.12 -2.09 30.14
O4 BMA G . -2.00 -0.53 27.90
O5 BMA G . 0.22 1.84 29.67
O6 BMA G . -0.69 3.54 27.66
C1 NAG H . 14.84 -19.36 -4.23
C2 NAG H . 16.20 -20.02 -4.39
C3 NAG H . 16.15 -21.49 -3.93
C4 NAG H . 15.55 -21.57 -2.52
C5 NAG H . 14.24 -20.75 -2.42
C6 NAG H . 13.72 -20.59 -1.01
C7 NAG H . 16.24 -20.30 -6.93
C8 NAG H . 14.97 -21.10 -6.90
N2 NAG H . 16.75 -19.87 -5.75
O3 NAG H . 17.45 -22.05 -3.93
O4 NAG H . 15.32 -22.94 -2.19
O5 NAG H . 14.45 -19.42 -2.91
O6 NAG H . 12.53 -19.82 -0.98
O7 NAG H . 16.80 -20.05 -7.98
C1 NAG H . 15.72 -23.19 -0.83
C2 NAG H . 14.68 -24.07 -0.10
C3 NAG H . 15.15 -24.41 1.32
C4 NAG H . 16.59 -24.92 1.32
C5 NAG H . 17.48 -23.91 0.60
C6 NAG H . 18.94 -24.30 0.56
C7 NAG H . 12.21 -24.01 0.11
C8 NAG H . 11.01 -23.11 0.16
N2 NAG H . 13.40 -23.39 -0.04
O3 NAG H . 14.31 -25.41 1.89
O4 NAG H . 17.04 -25.06 2.67
O5 NAG H . 17.02 -23.79 -0.75
O6 NAG H . 19.13 -25.64 0.09
O7 NAG H . 12.12 -25.22 0.20
C1 BMA H . 17.42 -26.41 3.07
C2 BMA H . 16.92 -27.54 2.10
C3 BMA H . 17.24 -28.87 2.76
C4 BMA H . 18.76 -28.96 3.07
C5 BMA H . 19.27 -27.71 3.84
C6 BMA H . 20.79 -27.67 3.99
O2 BMA H . 17.63 -27.58 0.86
O3 BMA H . 16.84 -29.95 1.95
O4 BMA H . 19.04 -30.14 3.82
O5 BMA H . 18.84 -26.50 3.18
O6 BMA H . 21.23 -28.92 4.49
C1 NAG I . -23.52 -22.29 -4.31
C2 NAG I . -24.93 -22.79 -4.48
C3 NAG I . -25.44 -23.34 -3.16
C4 NAG I . -24.49 -24.40 -2.62
C5 NAG I . -23.02 -23.93 -2.65
C6 NAG I . -22.04 -25.06 -2.40
C7 NAG I . -26.20 -21.69 -6.28
C8 NAG I . -27.10 -20.55 -6.63
N2 NAG I . -25.81 -21.75 -4.98
O3 NAG I . -26.74 -23.89 -3.36
O4 NAG I . -24.82 -24.69 -1.27
O5 NAG I . -22.68 -23.36 -3.92
O6 NAG I . -22.04 -26.00 -3.47
O7 NAG I . -25.83 -22.52 -7.10
C1 NAG I . -25.63 -25.86 -1.12
C2 NAG I . -25.59 -26.28 0.37
C3 NAG I . -26.64 -27.34 0.70
C4 NAG I . -28.00 -27.03 0.06
C5 NAG I . -27.79 -26.76 -1.41
C6 NAG I . -29.06 -26.46 -2.17
C7 NAG I . -23.19 -25.97 0.89
C8 NAG I . -21.91 -26.67 1.24
N2 NAG I . -24.26 -26.76 0.72
O3 NAG I . -26.81 -27.41 2.11
O4 NAG I . -28.90 -28.13 0.24
O5 NAG I . -26.95 -25.62 -1.52
O6 NAG I . -28.83 -26.53 -3.58
O7 NAG I . -23.25 -24.76 0.75
C1 NAG J . 23.43 -3.10 6.63
C2 NAG J . 24.21 -4.36 6.29
C3 NAG J . 24.69 -4.27 4.85
C4 NAG J . 23.50 -4.11 3.92
C5 NAG J . 22.59 -2.95 4.34
C6 NAG J . 21.25 -2.96 3.63
C7 NAG J . 25.25 -5.14 8.36
C8 NAG J . 26.53 -5.28 9.13
N2 NAG J . 25.36 -4.56 7.17
O3 NAG J . 25.44 -5.43 4.50
O4 NAG J . 24.02 -3.91 2.61
O5 NAG J . 22.29 -3.00 5.74
O6 NAG J . 20.44 -1.85 3.99
O7 NAG J . 24.17 -5.54 8.80
C1 NAG J . 23.34 -4.85 1.77
C2 NAG J . 23.29 -4.08 0.47
C3 NAG J . 22.51 -4.89 -0.56
C4 NAG J . 23.07 -6.30 -0.69
C5 NAG J . 23.20 -6.95 0.69
C6 NAG J . 23.88 -8.31 0.69
C7 NAG J . 22.97 -1.68 -0.02
C8 NAG J . 22.24 -0.44 0.38
N2 NAG J . 22.67 -2.77 0.68
O3 NAG J . 22.57 -4.20 -1.81
O4 NAG J . 22.23 -7.13 -1.49
O5 NAG J . 23.98 -6.11 1.56
O6 NAG J . 24.00 -8.82 2.01
O7 NAG J . 23.79 -1.67 -0.92
C1 BMA J . 22.94 -7.58 -2.68
C2 BMA J . 22.91 -9.15 -2.79
C3 BMA J . 23.52 -9.60 -4.15
C4 BMA J . 22.89 -8.82 -5.32
C5 BMA J . 23.02 -7.31 -5.06
C6 BMA J . 22.37 -6.47 -6.14
O2 BMA J . 21.60 -9.66 -2.75
O3 BMA J . 23.43 -11.02 -4.38
O4 BMA J . 23.51 -9.16 -6.56
O5 BMA J . 22.36 -6.98 -3.82
O6 BMA J . 22.63 -5.11 -5.82
C1 MAN J . 23.36 -4.52 -6.91
C2 MAN J . 24.31 -3.46 -6.30
C3 MAN J . 23.48 -2.35 -5.66
C4 MAN J . 22.43 -1.78 -6.64
C5 MAN J . 21.59 -2.92 -7.25
C6 MAN J . 20.65 -2.46 -8.35
O2 MAN J . 25.10 -2.85 -7.31
O3 MAN J . 24.29 -1.29 -5.12
O4 MAN J . 21.57 -0.87 -5.96
O5 MAN J . 22.47 -3.92 -7.82
O6 MAN J . 21.44 -1.87 -9.37
C1 NAG K . 15.09 -19.27 12.46
C2 NAG K . 15.70 -20.59 12.02
C3 NAG K . 15.08 -21.74 12.82
C4 NAG K . 15.21 -21.48 14.31
C5 NAG K . 14.69 -20.09 14.69
C6 NAG K . 15.01 -19.73 16.11
C7 NAG K . 16.42 -20.39 9.69
C8 NAG K . 16.09 -20.66 8.25
N2 NAG K . 15.53 -20.80 10.59
O3 NAG K . 15.74 -22.95 12.48
O4 NAG K . 14.41 -22.41 15.04
O5 NAG K . 15.30 -19.09 13.86
O6 NAG K . 14.32 -18.56 16.51
O7 NAG K . 17.46 -19.80 10.01
C1 NAG K . 15.18 -23.47 15.61
C2 NAG K . 14.16 -24.22 16.50
C3 NAG K . 14.68 -25.58 16.96
C4 NAG K . 15.29 -26.35 15.79
C5 NAG K . 16.36 -25.48 15.16
C6 NAG K . 17.08 -26.13 14.01
C7 NAG K . 12.78 -22.53 17.65
C8 NAG K . 12.55 -21.78 18.92
N2 NAG K . 13.80 -23.41 17.65
O3 NAG K . 13.58 -26.30 17.49
O4 NAG K . 15.81 -27.63 16.15
O5 NAG K . 15.70 -24.32 14.64
O6 NAG K . 18.38 -25.56 13.85
O7 NAG K . 12.08 -22.35 16.65
C1 BMA K . 16.43 -27.73 17.45
C2 BMA K . 15.49 -28.58 18.30
C3 BMA K . 16.08 -28.72 19.68
C4 BMA K . 17.44 -29.41 19.59
C5 BMA K . 18.37 -28.60 18.64
C6 BMA K . 19.61 -29.37 18.30
O2 BMA K . 15.37 -29.90 17.76
O3 BMA K . 15.14 -29.38 20.57
O4 BMA K . 18.04 -29.50 20.87
O5 BMA K . 17.70 -28.33 17.37
O6 BMA K . 19.18 -30.71 18.11
C1 MAN K . 13.95 -28.55 20.51
C2 MAN K . 13.56 -28.07 21.95
C3 MAN K . 12.57 -26.92 21.79
C4 MAN K . 11.80 -27.00 20.42
C5 MAN K . 11.53 -28.49 20.06
C6 MAN K . 10.74 -28.66 18.76
O2 MAN K . 14.68 -27.56 22.67
O3 MAN K . 13.21 -25.64 21.91
O4 MAN K . 10.58 -26.27 20.48
O5 MAN K . 12.80 -29.21 19.91
O6 MAN K . 11.47 -28.02 17.71
C1 MAN K . 20.11 -31.44 17.25
C2 MAN K . 21.54 -31.29 17.84
C3 MAN K . 22.57 -31.92 16.88
C4 MAN K . 21.88 -32.67 15.72
C5 MAN K . 20.94 -31.69 14.96
C6 MAN K . 20.08 -32.36 13.91
O2 MAN K . 21.68 -31.98 19.08
O3 MAN K . 23.46 -32.79 17.56
O4 MAN K . 22.84 -33.22 14.82
O5 MAN K . 20.06 -30.99 15.90
O6 MAN K . 20.94 -33.01 12.98
C1 NAG L . -30.15 7.33 -12.69
C2 NAG L . -31.30 8.28 -12.91
C3 NAG L . -32.19 8.29 -11.66
C4 NAG L . -32.57 6.87 -11.23
C5 NAG L . -31.39 5.89 -11.29
C6 NAG L . -31.81 4.43 -11.24
C7 NAG L . -30.79 10.11 -14.46
C8 NAG L . -30.29 11.50 -14.60
N2 NAG L . -30.84 9.62 -13.21
O3 NAG L . -33.35 9.06 -11.92
O4 NAG L . -33.00 6.96 -9.88
O5 NAG L . -30.63 6.04 -12.50
O6 NAG L . -30.74 3.61 -10.82
O7 NAG L . -31.15 9.44 -15.43
C1 NAG L . -34.09 6.07 -9.51
C2 NAG L . -34.21 6.08 -7.97
C3 NAG L . -35.39 5.22 -7.51
C4 NAG L . -36.66 5.56 -8.29
C5 NAG L . -36.39 5.55 -9.77
C6 NAG L . -37.60 5.96 -10.60
C7 NAG L . -32.10 6.37 -6.73
C8 NAG L . -30.88 5.67 -6.18
N2 NAG L . -32.97 5.59 -7.37
O3 NAG L . -35.60 5.41 -6.12
O4 NAG L . -37.68 4.61 -7.99
O5 NAG L . -35.34 6.47 -10.08
O6 NAG L . -38.57 4.93 -10.64
O7 NAG L . -32.27 7.57 -6.59
C1 NAG M . -15.41 22.80 -6.00
C2 NAG M . -16.41 22.52 -4.88
C3 NAG M . -17.81 22.39 -5.45
C4 NAG M . -18.17 23.67 -6.20
C5 NAG M . -17.16 23.88 -7.33
C6 NAG M . -17.39 25.16 -8.12
C7 NAG M . -15.24 21.37 -3.04
C8 NAG M . -15.01 20.07 -2.35
N2 NAG M . -16.05 21.33 -4.11
O3 NAG M . -18.75 22.15 -4.40
O4 NAG M . -19.54 23.77 -6.58
O5 NAG M . -15.84 23.97 -6.78
O6 NAG M . -17.48 26.30 -7.29
O7 NAG M . -14.73 22.42 -2.66
C1 NAG M . -20.11 22.95 -7.59
C2 NAG M . -21.53 22.64 -7.16
C3 NAG M . -22.27 21.87 -8.25
C4 NAG M . -22.24 22.65 -9.55
C5 NAG M . -20.79 22.93 -9.93
C6 NAG M . -20.64 23.80 -11.16
C7 NAG M . -21.68 22.52 -4.71
C8 NAG M . -21.72 21.60 -3.51
N2 NAG M . -21.57 21.92 -5.90
O3 NAG M . -23.60 21.64 -7.79
O4 NAG M . -22.88 21.96 -10.62
O5 NAG M . -20.11 23.60 -8.87
O6 NAG M . -21.07 25.13 -10.92
O7 NAG M . -21.72 23.73 -4.59
C1 BMA M . -24.33 21.96 -10.55
C2 BMA M . -24.91 23.40 -10.47
C3 BMA M . -26.41 23.28 -10.21
C4 BMA M . -27.11 22.36 -11.26
C5 BMA M . -26.33 21.02 -11.48
C6 BMA M . -26.83 20.21 -12.68
O2 BMA M . -24.77 24.10 -11.71
O3 BMA M . -27.06 24.56 -10.15
O4 BMA M . -28.42 22.07 -10.84
O5 BMA M . -24.93 21.29 -11.68
O6 BMA M . -28.24 20.11 -12.59
C1 EDO N . -2.73 -8.72 4.56
O1 EDO N . -3.16 -9.18 5.84
C2 EDO N . -3.93 -8.30 3.72
O2 EDO N . -4.86 -9.36 3.57
C1 NAG O . 12.35 12.73 -27.80
C2 NAG O . 13.02 13.17 -29.09
C3 NAG O . 13.87 14.41 -28.83
C4 NAG O . 13.00 15.51 -28.23
C5 NAG O . 12.24 15.01 -27.00
C6 NAG O . 11.23 16.01 -26.48
C7 NAG O . 13.44 11.34 -30.68
C8 NAG O . 14.40 10.28 -31.13
N2 NAG O . 13.84 12.10 -29.65
O3 NAG O . 14.45 14.86 -30.05
O4 NAG O . 13.81 16.62 -27.85
O5 NAG O . 11.52 13.80 -27.30
O6 NAG O . 10.71 15.63 -25.21
O7 NAG O . 12.36 11.51 -31.23
C1 EDO P . 10.52 26.49 -37.60
O1 EDO P . 10.22 25.22 -37.00
C2 EDO P . 11.81 26.39 -38.40
O2 EDO P . 11.64 25.47 -39.48
C1 EDO Q . -26.80 5.84 -25.11
O1 EDO Q . -25.92 6.59 -24.25
C2 EDO Q . -27.97 5.31 -24.30
O2 EDO Q . -28.73 4.41 -25.13
C1 EDO R . 11.65 -26.84 2.98
O1 EDO R . 11.42 -25.70 3.83
C2 EDO R . 10.36 -27.18 2.22
O2 EDO R . 9.98 -26.06 1.41
C1 EDO S . -4.78 -2.29 -10.11
O1 EDO S . -5.00 -3.14 -11.24
C2 EDO S . -6.07 -2.19 -9.32
O2 EDO S . -6.17 -0.92 -8.64
C1 EDO T . 20.28 -6.66 16.02
O1 EDO T . 20.46 -6.44 17.43
C2 EDO T . 18.81 -6.69 15.63
O2 EDO T . 18.25 -5.35 15.61
C1 EDO U . 13.05 -24.86 -3.52
O1 EDO U . 11.97 -25.30 -4.33
C2 EDO U . 14.32 -25.65 -3.85
O2 EDO U . 14.23 -26.97 -3.31
#